data_3SSB
#
_entry.id   3SSB
#
_cell.length_a   45.640
_cell.length_b   78.370
_cell.length_c   92.290
_cell.angle_alpha   90.00
_cell.angle_beta   90.08
_cell.angle_gamma   90.00
#
_symmetry.space_group_name_H-M   'P 1 21 1'
#
loop_
_entity.id
_entity.type
_entity.pdbx_description
1 polymer Thermolysin
2 polymer 'Inducible metalloproteinase inhibitor protein'
3 polymer 'Inducible metalloproteinase inhibitor protein'
4 non-polymer GLYCEROL
5 non-polymer 'ZINC ION'
6 non-polymer 'CALCIUM ION'
7 non-polymer 'SODIUM ION'
8 water water
#
loop_
_entity_poly.entity_id
_entity_poly.type
_entity_poly.pdbx_seq_one_letter_code
_entity_poly.pdbx_strand_id
1 'polypeptide(L)'
;ITGTSTVGVGRGVLGDQKNINTTYSTYYYLQDNTRGNGIFTYDAKYRTTLPGSLWADADNQFFASYDAPAVDAHYYAGVT
YDYYKNVHNRLSYDGNNAAIRSSVHYSQGYNNAFWNGSQMVYGDGDGQTFIPLSGGIDVVAHELTHAVTDYTAGLIYQNE
SGAINEAISDIFGTLVEFYANKNPDWEIGEDVYTPGISGDSLRSMSDPAKYGDPDHYSKRYTGTQDNGGVHINSGIINKA
AYLISQGGTHYGVSVVGIGRDKLGKIFYRALTQYLTPTSNFSQLRAAAVQSATDLYGSTSQEVASVKQAFDAVGVK
;
A,B
2 'polypeptide(L)' GMSIVLICNGGHEYYECGGACDNVCADLHIQNKTNCPIIN C,D
3 'polypeptide(L)' IRCNDKCYCEDGYARDVNGKCIPIKDCPKIRS I,J
#
loop_
_chem_comp.id
_chem_comp.type
_chem_comp.name
_chem_comp.formula
CA non-polymer 'CALCIUM ION' 'Ca 2'
GOL non-polymer GLYCEROL 'C3 H8 O3'
NA non-polymer 'SODIUM ION' 'Na 1'
ZN non-polymer 'ZINC ION' 'Zn 2'
#
# COMPACT_ATOMS: atom_id res chain seq x y z
N ILE A 1 -10.01 28.37 39.28
CA ILE A 1 -10.05 28.72 40.72
C ILE A 1 -8.85 29.58 41.10
N THR A 2 -8.84 30.12 42.31
CA THR A 2 -7.69 30.87 42.79
C THR A 2 -7.09 30.13 43.97
N GLY A 3 -5.81 29.83 43.88
CA GLY A 3 -5.10 29.14 44.94
C GLY A 3 -3.61 29.22 44.71
N THR A 4 -2.90 28.24 45.22
CA THR A 4 -1.44 28.26 45.15
C THR A 4 -1.00 27.33 44.03
N SER A 5 -0.05 27.79 43.21
CA SER A 5 0.43 26.98 42.07
C SER A 5 1.31 25.86 42.60
N THR A 6 0.94 24.62 42.29
CA THR A 6 1.61 23.44 42.80
C THR A 6 2.05 22.50 41.66
N VAL A 7 2.89 21.53 41.98
CA VAL A 7 3.27 20.48 41.04
C VAL A 7 2.88 19.09 41.59
N GLY A 8 1.93 18.43 40.91
CA GLY A 8 1.48 17.09 41.28
C GLY A 8 2.18 16.08 40.39
N VAL A 9 1.96 14.80 40.68
CA VAL A 9 2.57 13.72 39.92
C VAL A 9 1.48 12.71 39.60
N GLY A 10 1.58 12.10 38.42
CA GLY A 10 0.65 11.04 38.08
C GLY A 10 1.17 10.14 36.98
N ARG A 11 0.27 9.31 36.47
CA ARG A 11 0.55 8.35 35.42
C ARG A 11 -0.45 8.55 34.27
N GLY A 12 0.07 8.66 33.04
CA GLY A 12 -0.76 8.79 31.84
C GLY A 12 -1.32 7.48 31.34
N VAL A 13 -1.96 7.58 30.19
CA VAL A 13 -2.71 6.45 29.58
C VAL A 13 -1.81 5.25 29.27
N LEU A 14 -0.58 5.52 28.88
CA LEU A 14 0.35 4.47 28.53
C LEU A 14 1.21 4.02 29.72
N GLY A 15 0.89 4.50 30.92
CA GLY A 15 1.53 4.00 32.16
C GLY A 15 2.82 4.72 32.52
N ASP A 16 3.09 5.86 31.86
CA ASP A 16 4.30 6.64 32.08
C ASP A 16 4.07 7.70 33.16
N GLN A 17 5.04 7.86 34.06
CA GLN A 17 4.94 8.89 35.09
C GLN A 17 5.30 10.28 34.58
N LYS A 18 4.53 11.27 35.00
CA LYS A 18 4.87 12.63 34.67
C LYS A 18 4.37 13.58 35.75
N ASN A 19 5.01 14.76 35.82
CA ASN A 19 4.60 15.81 36.73
C ASN A 19 3.62 16.73 36.01
N ILE A 20 2.62 17.21 36.75
CA ILE A 20 1.62 18.10 36.16
C ILE A 20 1.42 19.34 37.05
N ASN A 21 1.23 20.48 36.39
CA ASN A 21 1.02 21.75 37.09
C ASN A 21 -0.45 21.85 37.56
N THR A 22 -0.64 22.02 38.87
CA THR A 22 -1.95 22.02 39.47
C THR A 22 -2.16 23.29 40.31
N THR A 23 -3.37 23.46 40.83
CA THR A 23 -3.68 24.60 41.69
C THR A 23 -4.37 24.08 42.95
N TYR A 24 -3.86 24.51 44.09
CA TYR A 24 -4.35 24.00 45.35
C TYR A 24 -5.25 25.00 46.04
N SER A 25 -6.49 24.59 46.26
CA SER A 25 -7.45 25.33 47.07
C SER A 25 -8.42 24.30 47.62
N THR A 26 -8.14 23.82 48.83
CA THR A 26 -8.86 22.71 49.43
C THR A 26 -8.57 21.38 48.69
N TYR A 27 -8.89 21.33 47.40
CA TYR A 27 -8.46 20.24 46.51
C TYR A 27 -7.34 20.70 45.59
N TYR A 28 -6.66 19.74 44.98
CA TYR A 28 -5.72 20.04 43.91
C TYR A 28 -6.45 19.94 42.56
N TYR A 29 -6.52 21.06 41.85
CA TYR A 29 -7.20 21.14 40.56
C TYR A 29 -6.22 21.02 39.37
N LEU A 30 -6.62 20.34 38.29
CA LEU A 30 -5.87 20.41 37.04
C LEU A 30 -6.04 21.77 36.36
N GLN A 31 -5.33 22.76 36.91
CA GLN A 31 -5.30 24.12 36.45
C GLN A 31 -3.83 24.54 36.52
N ASP A 32 -3.24 24.77 35.34
CA ASP A 32 -1.83 25.08 35.16
C ASP A 32 -1.72 26.56 34.90
N ASN A 33 -1.28 27.29 35.92
CA ASN A 33 -1.17 28.76 35.81
C ASN A 33 0.15 29.24 35.19
N THR A 34 1.00 28.31 34.73
CA THR A 34 2.34 28.65 34.20
C THR A 34 2.33 29.04 32.72
N ARG A 35 1.22 28.76 32.04
CA ARG A 35 1.12 28.98 30.59
C ARG A 35 -0.05 29.89 30.28
N GLY A 36 0.25 31.13 29.89
CA GLY A 36 -0.78 32.06 29.47
C GLY A 36 -1.84 32.27 30.51
N ASN A 37 -3.10 32.26 30.06
CA ASN A 37 -4.25 32.42 30.97
C ASN A 37 -4.75 31.10 31.52
N GLY A 38 -3.91 30.07 31.42
CA GLY A 38 -4.18 28.80 32.09
C GLY A 38 -4.48 27.63 31.15
N ILE A 39 -4.16 26.43 31.62
CA ILE A 39 -4.58 25.21 30.97
C ILE A 39 -5.44 24.50 32.01
N PHE A 40 -6.64 24.16 31.62
CA PHE A 40 -7.68 23.65 32.53
C PHE A 40 -8.18 22.35 31.99
N THR A 41 -8.23 21.33 32.83
CA THR A 41 -8.67 20.01 32.38
C THR A 41 -9.84 19.54 33.25
N TYR A 42 -10.89 19.04 32.57
CA TYR A 42 -12.18 18.76 33.17
C TYR A 42 -12.59 17.31 33.03
N ASP A 43 -13.45 16.85 33.94
CA ASP A 43 -14.06 15.51 33.87
C ASP A 43 -15.49 15.59 33.34
N ALA A 44 -15.73 14.91 32.23
CA ALA A 44 -17.04 14.85 31.64
C ALA A 44 -17.84 13.64 32.21
N LYS A 45 -17.16 12.76 32.95
CA LYS A 45 -17.81 11.74 33.80
C LYS A 45 -18.77 10.83 33.04
N TYR A 46 -18.35 10.43 31.84
CA TYR A 46 -19.09 9.49 30.96
C TYR A 46 -20.37 10.08 30.40
N ARG A 47 -20.52 11.40 30.51
CA ARG A 47 -21.67 12.10 30.00
C ARG A 47 -21.22 13.00 28.88
N THR A 48 -22.16 13.72 28.28
CA THR A 48 -21.85 14.59 27.17
C THR A 48 -22.01 16.08 27.51
N THR A 49 -22.26 16.39 28.78
CA THR A 49 -22.27 17.79 29.21
C THR A 49 -20.87 18.37 29.21
N LEU A 50 -20.70 19.54 28.57
CA LEU A 50 -19.38 20.14 28.50
C LEU A 50 -19.37 21.50 29.15
N PRO A 51 -18.25 21.85 29.81
CA PRO A 51 -17.02 21.07 29.91
C PRO A 51 -17.03 19.98 30.99
N GLY A 52 -18.03 19.97 31.86
CA GLY A 52 -18.03 19.09 33.01
C GLY A 52 -17.33 19.78 34.17
N SER A 53 -16.85 18.98 35.13
CA SER A 53 -16.22 19.50 36.36
C SER A 53 -14.73 19.70 36.24
N LEU A 54 -14.24 20.87 36.66
CA LEU A 54 -12.78 21.06 36.74
C LEU A 54 -12.22 19.96 37.60
N TRP A 55 -11.19 19.29 37.08
CA TRP A 55 -10.70 18.07 37.72
C TRP A 55 -10.12 18.37 39.10
N ALA A 56 -10.68 17.73 40.12
CA ALA A 56 -10.31 17.97 41.53
C ALA A 56 -9.77 16.66 42.10
N ASP A 57 -8.62 16.75 42.77
CA ASP A 57 -8.00 15.60 43.39
C ASP A 57 -7.56 15.95 44.83
N ALA A 58 -7.74 15.00 45.73
CA ALA A 58 -7.51 15.21 47.15
C ALA A 58 -6.05 15.40 47.52
N ASP A 59 -5.15 14.74 46.81
CA ASP A 59 -3.76 14.70 47.30
C ASP A 59 -2.65 15.06 46.29
N ASN A 60 -3.01 15.47 45.08
CA ASN A 60 -2.05 15.90 44.06
C ASN A 60 -1.23 14.72 43.48
N GLN A 61 -1.77 13.52 43.68
CA GLN A 61 -1.23 12.29 43.15
C GLN A 61 -2.29 11.72 42.20
N PHE A 62 -1.96 11.59 40.91
CA PHE A 62 -2.93 11.17 39.89
C PHE A 62 -2.55 9.82 39.26
N PHE A 63 -2.57 8.78 40.10
CA PHE A 63 -2.10 7.43 39.73
C PHE A 63 -3.23 6.42 39.55
N ALA A 64 -4.48 6.80 39.80
CA ALA A 64 -5.62 5.91 39.51
C ALA A 64 -5.85 5.76 37.99
N SER A 65 -6.33 4.60 37.56
CA SER A 65 -6.66 4.38 36.14
C SER A 65 -7.57 5.49 35.60
N TYR A 66 -8.56 5.84 36.40
CA TYR A 66 -9.50 6.89 36.01
C TYR A 66 -8.80 8.25 35.76
N ASP A 67 -7.66 8.49 36.42
CA ASP A 67 -6.93 9.75 36.28
C ASP A 67 -6.15 9.87 34.98
N ALA A 68 -5.81 8.73 34.37
CA ALA A 68 -4.81 8.71 33.30
C ALA A 68 -5.13 9.59 32.09
N PRO A 69 -6.38 9.57 31.58
CA PRO A 69 -6.67 10.48 30.45
C PRO A 69 -6.52 11.95 30.79
N ALA A 70 -6.82 12.31 32.04
CA ALA A 70 -6.75 13.69 32.47
C ALA A 70 -5.30 14.15 32.55
N VAL A 71 -4.46 13.29 33.11
CA VAL A 71 -3.01 13.55 33.22
C VAL A 71 -2.43 13.92 31.86
N ASP A 72 -2.68 13.07 30.88
CA ASP A 72 -2.16 13.27 29.53
C ASP A 72 -2.80 14.44 28.77
N ALA A 73 -4.13 14.64 28.86
CA ALA A 73 -4.77 15.81 28.25
C ALA A 73 -4.12 17.11 28.74
N HIS A 74 -3.88 17.16 30.06
CA HIS A 74 -3.35 18.34 30.75
C HIS A 74 -1.88 18.56 30.34
N TYR A 75 -1.11 17.50 30.46
CA TYR A 75 0.31 17.55 30.17
C TYR A 75 0.62 17.91 28.69
N TYR A 76 -0.04 17.20 27.78
CA TYR A 76 0.16 17.37 26.34
C TYR A 76 -0.38 18.70 25.83
N ALA A 77 -1.42 19.24 26.47
CA ALA A 77 -1.85 20.60 26.18
C ALA A 77 -0.73 21.58 26.49
N GLY A 78 -0.06 21.38 27.63
CA GLY A 78 1.12 22.15 28.00
C GLY A 78 2.25 22.08 27.01
N VAL A 79 2.56 20.88 26.57
CA VAL A 79 3.61 20.70 25.54
C VAL A 79 3.27 21.47 24.26
N THR A 80 2.00 21.38 23.85
CA THR A 80 1.54 22.04 22.63
C THR A 80 1.62 23.57 22.77
N TYR A 81 1.22 24.07 23.93
CA TYR A 81 1.39 25.49 24.25
C TYR A 81 2.87 25.90 24.11
N ASP A 82 3.75 25.12 24.72
CA ASP A 82 5.19 25.43 24.66
C ASP A 82 5.73 25.44 23.25
N TYR A 83 5.28 24.49 22.44
CA TYR A 83 5.69 24.45 21.04
C TYR A 83 5.34 25.73 20.31
N TYR A 84 4.07 26.14 20.39
CA TYR A 84 3.67 27.34 19.67
C TYR A 84 4.38 28.59 20.19
N LYS A 85 4.57 28.66 21.50
CA LYS A 85 5.24 29.80 22.12
C LYS A 85 6.72 29.85 21.72
N ASN A 86 7.41 28.74 21.97
CA ASN A 86 8.85 28.67 21.79
C ASN A 86 9.31 28.66 20.32
N VAL A 87 8.57 27.97 19.48
CA VAL A 87 8.94 27.82 18.08
C VAL A 87 8.40 28.92 17.18
N HIS A 88 7.16 29.34 17.42
CA HIS A 88 6.48 30.31 16.54
C HIS A 88 6.11 31.62 17.20
N ASN A 89 6.49 31.79 18.45
CA ASN A 89 6.21 33.03 19.17
C ASN A 89 4.73 33.34 19.15
N ARG A 90 3.92 32.28 19.28
CA ARG A 90 2.47 32.39 19.31
C ARG A 90 1.96 32.04 20.71
N LEU A 91 1.20 32.93 21.32
CA LEU A 91 0.74 32.73 22.70
C LEU A 91 -0.66 32.14 22.72
N SER A 92 -0.73 30.83 23.00
CA SER A 92 -1.95 30.03 22.90
C SER A 92 -2.52 30.02 21.48
N TYR A 93 -3.68 29.41 21.30
CA TYR A 93 -4.24 29.23 19.98
C TYR A 93 -4.71 30.51 19.33
N ASP A 94 -5.13 31.50 20.12
CA ASP A 94 -5.58 32.78 19.55
C ASP A 94 -4.46 33.83 19.42
N GLY A 95 -3.25 33.53 19.86
CA GLY A 95 -2.12 34.46 19.83
C GLY A 95 -2.23 35.52 20.90
N ASN A 96 -3.24 35.38 21.75
CA ASN A 96 -3.51 36.29 22.87
C ASN A 96 -3.70 35.57 24.20
N ASN A 97 -3.11 34.37 24.31
CA ASN A 97 -3.04 33.62 25.56
C ASN A 97 -4.38 33.11 26.08
N ALA A 98 -5.31 32.85 25.16
CA ALA A 98 -6.57 32.18 25.51
C ALA A 98 -6.35 30.97 26.42
N ALA A 99 -7.22 30.82 27.41
CA ALA A 99 -7.20 29.62 28.25
C ALA A 99 -7.44 28.40 27.38
N ILE A 100 -6.71 27.33 27.67
CA ILE A 100 -6.84 26.04 26.96
C ILE A 100 -7.62 25.10 27.87
N ARG A 101 -8.79 24.67 27.40
CA ARG A 101 -9.71 23.82 28.14
C ARG A 101 -9.85 22.49 27.45
N SER A 102 -9.77 21.42 28.24
CA SER A 102 -9.89 20.04 27.74
C SER A 102 -10.81 19.25 28.68
N SER A 103 -11.63 18.40 28.10
CA SER A 103 -12.48 17.48 28.86
C SER A 103 -12.16 16.05 28.46
N VAL A 104 -12.07 15.17 29.45
CA VAL A 104 -11.84 13.73 29.25
C VAL A 104 -13.02 12.92 29.79
N HIS A 105 -13.00 11.62 29.57
CA HIS A 105 -14.12 10.72 29.86
C HIS A 105 -15.45 11.18 29.22
N TYR A 106 -15.35 11.69 28.00
CA TYR A 106 -16.54 12.11 27.25
C TYR A 106 -17.31 10.93 26.77
N SER A 107 -18.57 10.84 27.22
CA SER A 107 -19.52 9.82 26.79
C SER A 107 -19.00 8.44 27.17
N GLN A 108 -19.44 7.40 26.45
CA GLN A 108 -18.97 6.05 26.72
C GLN A 108 -18.59 5.37 25.42
N GLY A 109 -17.45 4.68 25.42
CA GLY A 109 -17.00 3.93 24.25
C GLY A 109 -16.73 4.83 23.06
N TYR A 110 -16.45 6.09 23.32
CA TYR A 110 -16.42 7.14 22.31
C TYR A 110 -15.06 7.17 21.59
N ASN A 111 -15.04 6.70 20.35
CA ASN A 111 -13.80 6.52 19.59
C ASN A 111 -13.33 7.77 18.82
N ASN A 112 -13.27 8.89 19.51
CA ASN A 112 -12.83 10.11 18.85
C ASN A 112 -12.42 11.18 19.85
N ALA A 113 -11.85 12.26 19.28
CA ALA A 113 -11.49 13.48 19.99
C ALA A 113 -11.83 14.64 19.09
N PHE A 114 -12.02 15.82 19.68
CA PHE A 114 -12.35 17.00 18.89
C PHE A 114 -12.03 18.32 19.55
N TRP A 115 -12.07 19.34 18.69
CA TRP A 115 -12.18 20.74 19.06
C TRP A 115 -13.58 21.22 18.65
N ASN A 116 -14.29 21.90 19.56
CA ASN A 116 -15.67 22.30 19.28
C ASN A 116 -15.87 23.80 19.16
N GLY A 117 -14.76 24.51 18.92
CA GLY A 117 -14.80 25.94 18.84
C GLY A 117 -14.49 26.62 20.16
N SER A 118 -14.55 25.87 21.26
CA SER A 118 -14.28 26.41 22.59
C SER A 118 -13.24 25.60 23.40
N GLN A 119 -13.21 24.29 23.17
CA GLN A 119 -12.41 23.36 23.96
C GLN A 119 -12.09 22.08 23.24
N MET A 120 -11.13 21.34 23.80
CA MET A 120 -10.81 20.00 23.35
C MET A 120 -11.61 19.01 24.16
N VAL A 121 -11.97 17.90 23.54
CA VAL A 121 -12.74 16.81 24.15
C VAL A 121 -12.17 15.47 23.70
N TYR A 122 -12.01 14.54 24.65
CA TYR A 122 -11.45 13.24 24.38
C TYR A 122 -12.36 12.15 24.87
N GLY A 123 -12.75 11.25 23.98
CA GLY A 123 -13.33 10.02 24.40
C GLY A 123 -12.33 9.09 25.05
N ASP A 124 -12.87 8.07 25.67
CA ASP A 124 -12.08 6.99 26.27
C ASP A 124 -11.77 5.85 25.31
N GLY A 125 -12.43 5.85 24.16
CA GLY A 125 -12.36 4.70 23.25
C GLY A 125 -13.18 3.54 23.73
N ASP A 126 -13.40 2.58 22.83
CA ASP A 126 -14.12 1.37 23.17
C ASP A 126 -13.19 0.30 23.84
N GLY A 127 -11.88 0.59 23.91
CA GLY A 127 -10.93 -0.25 24.66
C GLY A 127 -10.30 -1.34 23.83
N GLN A 128 -10.78 -1.50 22.60
CA GLN A 128 -10.38 -2.63 21.75
C GLN A 128 -9.76 -2.08 20.49
N THR A 129 -10.36 -1.03 19.93
CA THR A 129 -9.83 -0.35 18.77
C THR A 129 -9.19 1.02 19.15
N PHE A 130 -9.68 1.64 20.22
CA PHE A 130 -9.05 2.84 20.80
C PHE A 130 -8.96 2.75 22.29
N ILE A 131 -7.93 3.38 22.84
CA ILE A 131 -7.85 3.63 24.27
C ILE A 131 -8.03 5.14 24.40
N PRO A 132 -8.05 5.70 25.63
CA PRO A 132 -8.32 7.14 25.74
C PRO A 132 -7.39 8.03 24.92
N LEU A 133 -8.03 8.86 24.10
CA LEU A 133 -7.34 9.48 22.97
C LEU A 133 -6.35 10.54 23.35
N SER A 134 -6.50 11.07 24.56
CA SER A 134 -5.52 12.03 25.05
C SER A 134 -4.16 11.41 25.29
N GLY A 135 -4.04 10.08 25.23
CA GLY A 135 -2.74 9.40 25.29
C GLY A 135 -1.76 9.70 24.15
N GLY A 136 -2.27 10.25 23.06
CA GLY A 136 -1.41 10.57 21.90
C GLY A 136 -1.13 12.05 21.85
N ILE A 137 0.14 12.41 21.96
CA ILE A 137 0.53 13.82 21.87
C ILE A 137 0.19 14.39 20.52
N ASP A 138 0.37 13.61 19.45
CA ASP A 138 -0.03 14.05 18.10
C ASP A 138 -1.53 14.35 18.02
N VAL A 139 -2.36 13.53 18.65
CA VAL A 139 -3.79 13.72 18.68
C VAL A 139 -4.15 15.02 19.43
N VAL A 140 -3.58 15.22 20.62
CA VAL A 140 -3.78 16.45 21.40
C VAL A 140 -3.41 17.72 20.59
N ALA A 141 -2.20 17.70 20.02
CA ALA A 141 -1.68 18.82 19.24
C ALA A 141 -2.53 19.03 17.96
N HIS A 142 -3.02 17.95 17.40
CA HIS A 142 -3.91 18.03 16.24
C HIS A 142 -5.19 18.77 16.59
N GLU A 143 -5.79 18.42 17.72
CA GLU A 143 -7.02 19.11 18.12
C GLU A 143 -6.75 20.58 18.41
N LEU A 144 -5.69 20.89 19.15
CA LEU A 144 -5.44 22.31 19.47
C LEU A 144 -5.09 23.08 18.21
N THR A 145 -4.43 22.42 17.26
CA THR A 145 -4.13 23.07 15.98
C THR A 145 -5.38 23.46 15.20
N HIS A 146 -6.47 22.72 15.34
CA HIS A 146 -7.75 23.16 14.79
C HIS A 146 -8.17 24.55 15.31
N ALA A 147 -7.91 24.81 16.59
CA ALA A 147 -8.17 26.12 17.20
C ALA A 147 -7.28 27.20 16.57
N VAL A 148 -6.02 26.87 16.37
CA VAL A 148 -5.07 27.79 15.71
C VAL A 148 -5.61 28.18 14.33
N THR A 149 -5.98 27.17 13.56
CA THR A 149 -6.48 27.38 12.20
C THR A 149 -7.73 28.27 12.20
N ASP A 150 -8.66 27.98 13.11
CA ASP A 150 -9.90 28.76 13.33
C ASP A 150 -9.63 30.25 13.40
N TYR A 151 -8.63 30.57 14.21
CA TYR A 151 -8.26 31.93 14.59
C TYR A 151 -7.33 32.61 13.60
N THR A 152 -6.81 31.85 12.65
CA THR A 152 -5.89 32.38 11.64
C THR A 152 -6.52 32.38 10.23
N ALA A 153 -6.42 31.24 9.54
CA ALA A 153 -6.90 31.09 8.15
C ALA A 153 -8.41 30.90 8.05
N GLY A 154 -9.00 30.26 9.05
CA GLY A 154 -10.43 29.98 9.09
C GLY A 154 -10.88 28.96 8.04
N LEU A 155 -9.97 28.05 7.71
CA LEU A 155 -10.21 27.06 6.65
C LEU A 155 -11.52 26.36 6.89
N ILE A 156 -12.43 26.46 5.93
CA ILE A 156 -13.77 25.92 6.07
C ILE A 156 -13.63 24.42 6.03
N TYR A 157 -14.34 23.74 6.94
CA TYR A 157 -14.13 22.31 7.18
C TYR A 157 -14.92 21.45 6.20
N GLN A 158 -14.58 21.59 4.94
CA GLN A 158 -15.28 20.91 3.87
C GLN A 158 -14.36 20.89 2.68
N ASN A 159 -14.39 19.81 1.91
CA ASN A 159 -13.73 19.77 0.60
C ASN A 159 -12.23 20.09 0.70
N GLU A 160 -11.64 20.75 -0.28
CA GLU A 160 -10.16 20.98 -0.21
C GLU A 160 -9.70 21.87 0.95
N SER A 161 -10.42 22.96 1.24
CA SER A 161 -10.02 23.82 2.36
C SER A 161 -10.05 22.98 3.64
N GLY A 162 -10.98 22.05 3.73
CA GLY A 162 -11.12 21.23 4.90
C GLY A 162 -10.01 20.19 5.03
N ALA A 163 -9.60 19.64 3.90
CA ALA A 163 -8.43 18.73 3.86
C ALA A 163 -7.15 19.44 4.20
N ILE A 164 -7.01 20.71 3.80
CA ILE A 164 -5.88 21.52 4.22
C ILE A 164 -5.95 21.72 5.74
N ASN A 165 -7.14 22.05 6.24
CA ASN A 165 -7.40 22.20 7.69
C ASN A 165 -6.89 20.96 8.44
N GLU A 166 -7.31 19.80 7.96
CA GLU A 166 -6.87 18.51 8.50
C GLU A 166 -5.35 18.30 8.41
N ALA A 167 -4.77 18.52 7.24
CA ALA A 167 -3.33 18.32 7.08
C ALA A 167 -2.51 19.26 8.01
N ILE A 168 -2.98 20.51 8.16
CA ILE A 168 -2.31 21.46 9.05
C ILE A 168 -2.29 20.86 10.47
N SER A 169 -3.41 20.27 10.88
CA SER A 169 -3.47 19.64 12.19
C SER A 169 -2.54 18.43 12.32
N ASP A 170 -2.43 17.61 11.26
CA ASP A 170 -1.52 16.46 11.28
C ASP A 170 -0.07 16.90 11.21
N ILE A 171 0.21 17.93 10.40
CA ILE A 171 1.57 18.50 10.31
C ILE A 171 2.03 19.03 11.68
N PHE A 172 1.27 19.93 12.27
CA PHE A 172 1.69 20.46 13.56
C PHE A 172 1.53 19.46 14.71
N GLY A 173 0.57 18.55 14.60
CA GLY A 173 0.49 17.48 15.57
C GLY A 173 1.78 16.70 15.61
N THR A 174 2.27 16.38 14.42
CA THR A 174 3.54 15.68 14.28
C THR A 174 4.73 16.50 14.73
N LEU A 175 4.77 17.79 14.37
CA LEU A 175 5.87 18.64 14.82
C LEU A 175 5.92 18.84 16.35
N VAL A 176 4.75 18.90 17.00
CA VAL A 176 4.69 18.88 18.47
C VAL A 176 5.20 17.52 19.02
N GLU A 177 4.77 16.43 18.41
CA GLU A 177 5.29 15.10 18.76
C GLU A 177 6.84 15.05 18.69
N PHE A 178 7.41 15.53 17.59
CA PHE A 178 8.88 15.65 17.48
C PHE A 178 9.49 16.58 18.51
N TYR A 179 8.80 17.69 18.79
CA TYR A 179 9.30 18.70 19.73
C TYR A 179 9.45 18.09 21.14
N ALA A 180 8.44 17.33 21.57
CA ALA A 180 8.50 16.62 22.84
C ALA A 180 9.59 15.58 22.83
N ASN A 181 9.75 14.91 21.70
CA ASN A 181 10.91 14.07 21.43
C ASN A 181 10.98 12.85 22.34
N LYS A 182 9.83 12.25 22.57
CA LYS A 182 9.79 10.96 23.22
C LYS A 182 9.91 9.85 22.16
N ASN A 183 8.80 9.51 21.48
CA ASN A 183 8.77 8.47 20.46
C ASN A 183 8.21 8.99 19.14
N PRO A 184 8.86 10.01 18.54
CA PRO A 184 8.19 10.69 17.44
C PRO A 184 8.28 9.96 16.11
N ASP A 185 7.27 10.18 15.30
CA ASP A 185 7.16 9.56 14.00
C ASP A 185 6.26 10.41 13.08
N TRP A 186 6.11 9.96 11.84
CA TRP A 186 5.26 10.63 10.87
C TRP A 186 3.95 9.88 10.68
N GLU A 187 3.56 9.11 11.70
CA GLU A 187 2.25 8.45 11.78
C GLU A 187 1.34 9.29 12.70
N ILE A 188 0.03 9.08 12.56
CA ILE A 188 -0.96 9.81 13.38
C ILE A 188 -1.72 8.88 14.31
N GLY A 189 -1.58 9.09 15.62
CA GLY A 189 -2.44 8.42 16.60
C GLY A 189 -2.05 7.00 16.96
N GLU A 190 -0.81 6.63 16.60
CA GLU A 190 -0.30 5.30 16.87
C GLU A 190 -0.41 4.91 18.34
N ASP A 191 -0.27 5.87 19.25
CA ASP A 191 -0.22 5.57 20.68
C ASP A 191 -1.57 5.25 21.29
N VAL A 192 -2.67 5.57 20.60
CA VAL A 192 -4.01 5.31 21.15
C VAL A 192 -4.89 4.42 20.27
N TYR A 193 -4.36 3.98 19.13
CA TYR A 193 -5.09 3.14 18.18
C TYR A 193 -4.72 1.67 18.25
N THR A 194 -5.76 0.82 18.19
CA THR A 194 -5.67 -0.64 18.22
C THR A 194 -4.58 -1.18 19.15
N PRO A 195 -4.80 -1.13 20.48
CA PRO A 195 -3.76 -1.51 21.44
C PRO A 195 -3.28 -2.94 21.24
N GLY A 196 -4.09 -3.74 20.54
CA GLY A 196 -3.68 -5.08 20.11
C GLY A 196 -3.23 -5.18 18.64
N ILE A 197 -2.66 -4.11 18.09
CA ILE A 197 -1.89 -4.22 16.84
C ILE A 197 -0.71 -3.26 17.00
N SER A 198 0.53 -3.75 16.94
CA SER A 198 1.68 -2.85 16.89
C SER A 198 1.97 -2.40 15.45
N GLY A 199 2.56 -1.22 15.33
CA GLY A 199 3.06 -0.75 14.05
C GLY A 199 2.03 -0.03 13.19
N ASP A 200 0.76 0.01 13.61
CA ASP A 200 -0.23 0.69 12.80
C ASP A 200 -0.61 2.06 13.40
N SER A 201 -1.49 2.77 12.69
CA SER A 201 -1.94 4.07 13.11
C SER A 201 -3.22 4.40 12.35
N LEU A 202 -3.80 5.55 12.63
CA LEU A 202 -5.00 6.05 11.96
C LEU A 202 -4.69 6.58 10.54
N ARG A 203 -3.58 7.30 10.44
CA ARG A 203 -3.07 7.82 9.20
C ARG A 203 -1.55 7.80 9.16
N SER A 204 -1.00 7.72 7.96
CA SER A 204 0.44 7.86 7.76
C SER A 204 0.70 9.10 6.90
N MET A 205 1.61 9.96 7.35
CA MET A 205 2.07 11.05 6.50
C MET A 205 3.14 10.57 5.51
N SER A 206 4.00 9.66 5.95
CA SER A 206 5.09 9.14 5.12
C SER A 206 4.57 8.28 3.94
N ASP A 207 3.46 7.58 4.17
CA ASP A 207 2.82 6.69 3.19
C ASP A 207 1.30 6.65 3.38
N PRO A 208 0.60 7.72 2.93
CA PRO A 208 -0.84 7.78 3.19
C PRO A 208 -1.58 6.56 2.65
N ALA A 209 -1.09 6.00 1.55
CA ALA A 209 -1.70 4.83 0.89
C ALA A 209 -1.73 3.58 1.76
N LYS A 210 -0.85 3.52 2.77
CA LYS A 210 -0.86 2.41 3.77
C LYS A 210 -2.27 2.15 4.36
N TYR A 211 -3.04 3.22 4.56
CA TYR A 211 -4.43 3.15 5.07
C TYR A 211 -5.50 3.64 4.09
N GLY A 212 -5.21 3.59 2.80
CA GLY A 212 -6.18 3.87 1.76
C GLY A 212 -6.40 5.33 1.45
N ASP A 213 -5.52 6.20 1.96
CA ASP A 213 -5.64 7.62 1.66
C ASP A 213 -4.81 7.95 0.43
N PRO A 214 -5.29 8.92 -0.38
CA PRO A 214 -4.54 9.30 -1.56
C PRO A 214 -3.20 9.95 -1.23
N ASP A 215 -2.21 9.66 -2.09
CA ASP A 215 -0.87 10.25 -1.99
C ASP A 215 -0.52 11.05 -3.24
N HIS A 216 -1.53 11.36 -4.05
CA HIS A 216 -1.38 12.12 -5.32
C HIS A 216 -2.75 12.73 -5.67
N TYR A 217 -2.73 13.94 -6.25
CA TYR A 217 -3.96 14.68 -6.60
C TYR A 217 -4.89 13.90 -7.54
N SER A 218 -4.30 13.10 -8.43
CA SER A 218 -5.03 12.26 -9.35
C SER A 218 -5.89 11.21 -8.63
N LYS A 219 -5.61 10.96 -7.36
CA LYS A 219 -6.37 10.00 -6.57
C LYS A 219 -7.29 10.69 -5.56
N ARG A 220 -7.51 12.00 -5.69
CA ARG A 220 -8.35 12.71 -4.74
C ARG A 220 -9.78 12.18 -4.76
N TYR A 221 -10.39 12.15 -3.56
CA TYR A 221 -11.79 11.80 -3.37
C TYR A 221 -12.62 13.04 -3.60
N THR A 222 -13.64 12.93 -4.44
CA THR A 222 -14.50 14.09 -4.76
C THR A 222 -15.97 13.93 -4.37
N GLY A 223 -16.28 12.84 -3.66
CA GLY A 223 -17.62 12.64 -3.12
C GLY A 223 -17.89 13.46 -1.87
N THR A 224 -18.99 13.14 -1.20
CA THR A 224 -19.49 13.94 -0.10
C THR A 224 -19.25 13.39 1.29
N GLN A 225 -18.86 12.11 1.39
CA GLN A 225 -18.56 11.50 2.68
C GLN A 225 -17.40 12.24 3.40
N ASP A 226 -17.48 12.25 4.73
CA ASP A 226 -16.40 12.81 5.56
C ASP A 226 -16.18 14.27 5.19
N ASN A 227 -17.29 15.01 5.09
CA ASN A 227 -17.24 16.43 4.73
C ASN A 227 -16.45 16.68 3.43
N GLY A 228 -16.65 15.81 2.46
CA GLY A 228 -15.97 15.92 1.19
C GLY A 228 -14.54 15.43 1.27
N GLY A 229 -14.33 14.38 2.08
CA GLY A 229 -13.02 13.77 2.27
C GLY A 229 -11.95 14.49 3.04
N VAL A 230 -12.30 15.26 4.07
CA VAL A 230 -11.26 16.06 4.76
C VAL A 230 -10.15 15.22 5.42
N HIS A 231 -10.51 14.04 5.94
CA HIS A 231 -9.55 13.14 6.57
C HIS A 231 -8.95 12.17 5.55
N ILE A 232 -9.35 12.28 4.28
CA ILE A 232 -8.91 11.39 3.20
C ILE A 232 -7.90 12.17 2.35
N ASN A 233 -8.36 13.23 1.72
CA ASN A 233 -7.52 14.05 0.89
C ASN A 233 -6.40 14.75 1.63
N SER A 234 -6.49 14.86 2.95
CA SER A 234 -5.36 15.34 3.73
C SER A 234 -4.06 14.57 3.42
N GLY A 235 -4.18 13.30 3.02
CA GLY A 235 -3.03 12.46 2.62
C GLY A 235 -2.12 13.11 1.58
N ILE A 236 -2.72 13.82 0.64
CA ILE A 236 -1.97 14.45 -0.43
C ILE A 236 -1.06 15.55 0.11
N ILE A 237 -1.61 16.37 1.02
CA ILE A 237 -0.87 17.44 1.63
C ILE A 237 0.11 16.87 2.62
N ASN A 238 -0.32 15.87 3.37
CA ASN A 238 0.58 15.26 4.34
C ASN A 238 1.82 14.67 3.69
N LYS A 239 1.62 14.01 2.54
CA LYS A 239 2.73 13.44 1.81
C LYS A 239 3.66 14.57 1.33
N ALA A 240 3.12 15.66 0.79
CA ALA A 240 3.94 16.83 0.42
C ALA A 240 4.77 17.36 1.60
N ALA A 241 4.14 17.49 2.77
CA ALA A 241 4.83 18.02 3.97
C ALA A 241 5.97 17.06 4.40
N TYR A 242 5.65 15.77 4.43
CA TYR A 242 6.65 14.75 4.70
C TYR A 242 7.87 14.84 3.76
N LEU A 243 7.61 14.94 2.46
CA LEU A 243 8.68 15.05 1.49
C LEU A 243 9.51 16.33 1.66
N ILE A 244 8.85 17.46 1.95
CA ILE A 244 9.55 18.73 2.18
C ILE A 244 10.55 18.56 3.32
N SER A 245 10.12 17.90 4.38
CA SER A 245 10.98 17.76 5.56
C SER A 245 12.05 16.70 5.34
N GLN A 246 11.60 15.53 4.91
CA GLN A 246 12.46 14.34 4.91
C GLN A 246 13.12 14.00 3.58
N GLY A 247 12.56 14.52 2.49
CA GLY A 247 12.98 14.15 1.15
C GLY A 247 12.52 12.76 0.77
N GLY A 248 12.84 12.35 -0.44
CA GLY A 248 12.46 11.04 -0.95
C GLY A 248 12.06 11.10 -2.40
N THR A 249 11.75 9.94 -2.95
CA THR A 249 11.34 9.81 -4.32
C THR A 249 9.94 9.24 -4.34
N HIS A 250 9.05 9.94 -5.02
CA HIS A 250 7.61 9.62 -4.97
C HIS A 250 7.05 9.67 -6.39
N TYR A 251 6.49 8.56 -6.86
CA TYR A 251 6.17 8.39 -8.30
C TYR A 251 7.28 8.93 -9.23
N GLY A 252 8.53 8.62 -8.87
CA GLY A 252 9.70 8.92 -9.72
C GLY A 252 10.25 10.32 -9.57
N VAL A 253 9.62 11.11 -8.71
CA VAL A 253 9.97 12.51 -8.54
C VAL A 253 10.76 12.62 -7.22
N SER A 254 12.03 13.02 -7.30
CA SER A 254 12.86 13.23 -6.12
C SER A 254 12.67 14.62 -5.46
N VAL A 255 12.71 14.64 -4.14
CA VAL A 255 12.60 15.87 -3.36
C VAL A 255 13.75 15.89 -2.35
N VAL A 256 14.44 17.02 -2.27
CA VAL A 256 15.48 17.23 -1.26
C VAL A 256 14.85 17.68 0.07
N GLY A 257 15.09 16.93 1.15
CA GLY A 257 14.54 17.28 2.45
C GLY A 257 15.23 18.50 3.02
N ILE A 258 14.43 19.41 3.59
CA ILE A 258 14.95 20.59 4.28
C ILE A 258 14.73 20.55 5.80
N GLY A 259 14.14 19.48 6.32
CA GLY A 259 14.04 19.31 7.75
C GLY A 259 12.74 19.85 8.35
N ARG A 260 12.46 19.43 9.58
CA ARG A 260 11.17 19.72 10.24
C ARG A 260 11.01 21.18 10.65
N ASP A 261 12.11 21.80 11.09
CA ASP A 261 12.02 23.18 11.56
C ASP A 261 11.60 24.13 10.43
N LYS A 262 12.20 23.94 9.26
CA LYS A 262 11.91 24.79 8.09
C LYS A 262 10.53 24.45 7.56
N LEU A 263 10.14 23.17 7.58
CA LEU A 263 8.77 22.81 7.25
C LEU A 263 7.76 23.58 8.10
N GLY A 264 7.96 23.58 9.41
CA GLY A 264 7.07 24.24 10.34
C GLY A 264 7.03 25.74 10.15
N LYS A 265 8.19 26.33 9.87
CA LYS A 265 8.27 27.76 9.61
C LYS A 265 7.50 28.16 8.35
N ILE A 266 7.71 27.41 7.28
CA ILE A 266 7.02 27.64 5.99
C ILE A 266 5.50 27.51 6.17
N PHE A 267 5.07 26.41 6.78
CA PHE A 267 3.63 26.21 6.95
C PHE A 267 2.96 27.13 7.97
N TYR A 268 3.66 27.48 9.03
CA TYR A 268 3.10 28.44 9.96
C TYR A 268 2.90 29.81 9.27
N ARG A 269 3.88 30.24 8.50
CA ARG A 269 3.73 31.50 7.77
C ARG A 269 2.60 31.40 6.76
N ALA A 270 2.51 30.29 6.03
CA ALA A 270 1.42 30.09 5.08
C ALA A 270 0.06 30.22 5.76
N LEU A 271 -0.11 29.50 6.88
CA LEU A 271 -1.35 29.47 7.64
C LEU A 271 -1.74 30.84 8.18
N THR A 272 -0.78 31.61 8.69
CA THR A 272 -1.08 32.86 9.35
C THR A 272 -1.10 34.07 8.41
N GLN A 273 -0.46 33.98 7.25
CA GLN A 273 -0.32 35.11 6.33
C GLN A 273 -0.99 34.96 4.99
N TYR A 274 -1.11 33.73 4.48
CA TYR A 274 -1.48 33.54 3.07
C TYR A 274 -2.74 32.71 2.82
N LEU A 275 -3.20 31.96 3.81
CA LEU A 275 -4.39 31.13 3.60
C LEU A 275 -5.64 31.86 4.04
N THR A 276 -6.75 31.52 3.41
CA THR A 276 -8.05 32.12 3.72
C THR A 276 -9.08 31.01 3.88
N PRO A 277 -10.32 31.34 4.29
CA PRO A 277 -11.26 30.22 4.52
C PRO A 277 -11.55 29.31 3.32
N THR A 278 -11.36 29.84 2.11
CA THR A 278 -11.72 29.15 0.89
C THR A 278 -10.49 28.62 0.15
N SER A 279 -9.31 28.69 0.77
CA SER A 279 -8.09 28.24 0.11
C SER A 279 -8.23 26.78 -0.36
N ASN A 280 -7.83 26.51 -1.61
CA ASN A 280 -7.77 25.12 -2.11
C ASN A 280 -6.30 24.65 -2.18
N PHE A 281 -6.06 23.43 -2.69
CA PHE A 281 -4.70 22.84 -2.70
C PHE A 281 -3.74 23.66 -3.57
N SER A 282 -4.18 24.12 -4.73
CA SER A 282 -3.31 25.01 -5.55
C SER A 282 -2.96 26.30 -4.81
N GLN A 283 -3.92 26.87 -4.08
CA GLN A 283 -3.67 28.07 -3.28
C GLN A 283 -2.73 27.79 -2.09
N LEU A 284 -2.86 26.63 -1.46
CA LEU A 284 -1.87 26.23 -0.44
C LEU A 284 -0.45 26.12 -1.02
N ARG A 285 -0.31 25.50 -2.19
CA ARG A 285 1.00 25.49 -2.87
C ARG A 285 1.54 26.91 -3.02
N ALA A 286 0.73 27.80 -3.59
CA ALA A 286 1.20 29.17 -3.81
C ALA A 286 1.60 29.81 -2.48
N ALA A 287 0.81 29.54 -1.43
CA ALA A 287 1.06 30.08 -0.09
C ALA A 287 2.38 29.57 0.50
N ALA A 288 2.62 28.27 0.40
CA ALA A 288 3.86 27.65 0.87
C ALA A 288 5.09 28.11 0.08
N VAL A 289 4.94 28.29 -1.24
CA VAL A 289 6.03 28.77 -2.08
C VAL A 289 6.37 30.22 -1.74
N GLN A 290 5.33 31.04 -1.57
CA GLN A 290 5.54 32.45 -1.21
C GLN A 290 6.14 32.56 0.20
N SER A 291 5.65 31.74 1.13
CA SER A 291 6.20 31.73 2.47
C SER A 291 7.68 31.37 2.49
N ALA A 292 8.06 30.34 1.74
CA ALA A 292 9.45 29.94 1.65
C ALA A 292 10.28 31.03 0.98
N THR A 293 9.69 31.76 0.03
CA THR A 293 10.39 32.84 -0.62
C THR A 293 10.67 33.97 0.38
N ASP A 294 9.66 34.32 1.20
CA ASP A 294 9.80 35.39 2.19
C ASP A 294 10.94 35.06 3.14
N LEU A 295 10.93 33.81 3.56
CA LEU A 295 11.80 33.31 4.63
C LEU A 295 13.20 33.02 4.15
N TYR A 296 13.33 32.49 2.93
CA TYR A 296 14.60 31.94 2.44
C TYR A 296 15.12 32.46 1.11
N GLY A 297 14.25 33.13 0.36
CA GLY A 297 14.61 33.75 -0.92
C GLY A 297 14.20 32.88 -2.09
N SER A 298 13.95 33.53 -3.23
CA SER A 298 13.47 32.84 -4.44
C SER A 298 14.40 31.75 -4.95
N THR A 299 15.71 31.94 -4.78
CA THR A 299 16.72 30.97 -5.29
C THR A 299 17.07 29.83 -4.31
N SER A 300 16.35 29.76 -3.20
CA SER A 300 16.71 28.84 -2.12
C SER A 300 16.39 27.37 -2.41
N GLN A 301 17.13 26.48 -1.74
CA GLN A 301 16.76 25.07 -1.75
C GLN A 301 15.34 24.90 -1.24
N GLU A 302 15.02 25.68 -0.22
CA GLU A 302 13.71 25.58 0.46
C GLU A 302 12.54 25.85 -0.48
N VAL A 303 12.62 26.94 -1.23
CA VAL A 303 11.64 27.22 -2.28
C VAL A 303 11.56 26.05 -3.27
N ALA A 304 12.71 25.66 -3.83
CA ALA A 304 12.74 24.54 -4.79
C ALA A 304 12.12 23.26 -4.22
N SER A 305 12.40 22.93 -2.96
CA SER A 305 11.87 21.70 -2.35
C SER A 305 10.35 21.74 -2.14
N VAL A 306 9.82 22.92 -1.84
CA VAL A 306 8.36 23.10 -1.74
C VAL A 306 7.75 22.84 -3.12
N LYS A 307 8.32 23.47 -4.16
CA LYS A 307 7.82 23.23 -5.53
C LYS A 307 7.90 21.75 -5.91
N GLN A 308 9.04 21.10 -5.62
CA GLN A 308 9.21 19.68 -6.00
C GLN A 308 8.20 18.82 -5.24
N ALA A 309 7.99 19.08 -3.95
CA ALA A 309 7.07 18.26 -3.13
C ALA A 309 5.64 18.34 -3.63
N PHE A 310 5.18 19.56 -3.95
CA PHE A 310 3.83 19.70 -4.49
C PHE A 310 3.75 19.08 -5.89
N ASP A 311 4.80 19.24 -6.70
CA ASP A 311 4.83 18.52 -7.99
C ASP A 311 4.68 17.01 -7.79
N ALA A 312 5.44 16.45 -6.85
CA ALA A 312 5.45 14.99 -6.62
C ALA A 312 4.07 14.46 -6.25
N VAL A 313 3.24 15.28 -5.60
CA VAL A 313 1.88 14.86 -5.26
C VAL A 313 0.81 15.42 -6.25
N GLY A 314 1.25 16.03 -7.34
CA GLY A 314 0.37 16.42 -8.43
C GLY A 314 -0.46 17.66 -8.18
N VAL A 315 0.03 18.51 -7.28
CA VAL A 315 -0.62 19.77 -6.99
C VAL A 315 0.14 20.92 -7.67
N LYS A 316 -0.47 21.47 -8.72
CA LYS A 316 0.11 22.55 -9.52
C LYS A 316 -0.43 23.88 -9.07
N LEU B 6 -22.56 0.22 10.98
CA LEU B 6 -23.06 -0.56 9.80
C LEU B 6 -24.46 -1.17 9.96
N ILE B 7 -24.98 -1.67 8.85
CA ILE B 7 -26.38 -1.96 8.64
C ILE B 7 -27.31 -0.72 8.75
N CYS B 8 -27.39 -0.06 9.91
CA CYS B 8 -28.24 1.15 10.09
C CYS B 8 -29.62 0.98 9.46
N ASN B 9 -30.37 0.01 9.99
CA ASN B 9 -31.61 -0.47 9.37
C ASN B 9 -32.88 -0.18 10.17
N GLY B 10 -32.82 0.84 11.01
CA GLY B 10 -33.94 1.21 11.87
C GLY B 10 -34.93 2.13 11.20
N GLY B 11 -34.66 2.51 9.94
CA GLY B 11 -35.55 3.38 9.17
C GLY B 11 -35.03 4.80 8.99
N HIS B 12 -35.06 5.27 7.75
CA HIS B 12 -34.62 6.61 7.42
C HIS B 12 -33.21 6.96 7.96
N GLU B 13 -32.33 5.97 8.03
CA GLU B 13 -30.95 6.24 8.43
C GLU B 13 -30.00 5.48 7.52
N TYR B 14 -28.71 5.80 7.64
CA TYR B 14 -27.67 5.18 6.82
C TYR B 14 -26.33 5.28 7.50
N TYR B 15 -25.42 4.40 7.10
CA TYR B 15 -24.07 4.39 7.61
C TYR B 15 -23.18 5.31 6.78
N GLU B 16 -22.29 6.00 7.48
CA GLU B 16 -21.16 6.70 6.87
C GLU B 16 -20.11 6.89 7.94
N CYS B 17 -18.85 6.96 7.53
CA CYS B 17 -17.81 7.46 8.39
C CYS B 17 -17.73 8.94 8.09
N GLY B 18 -18.41 9.73 8.91
CA GLY B 18 -18.65 11.13 8.61
C GLY B 18 -18.37 12.05 9.78
N GLY B 19 -19.05 13.20 9.78
CA GLY B 19 -18.97 14.16 10.84
C GLY B 19 -19.60 13.75 12.15
N ALA B 20 -19.30 14.52 13.18
CA ALA B 20 -19.71 14.16 14.52
C ALA B 20 -21.21 14.37 14.81
N CYS B 21 -21.87 15.26 14.05
CA CYS B 21 -23.25 15.61 14.36
C CYS B 21 -24.22 14.80 13.50
N ASP B 22 -25.26 14.29 14.14
CA ASP B 22 -26.45 13.79 13.45
C ASP B 22 -27.52 14.90 13.51
N ASN B 23 -28.64 14.65 12.84
CA ASN B 23 -29.85 15.44 13.05
C ASN B 23 -30.60 14.87 14.23
N VAL B 24 -30.70 15.63 15.31
CA VAL B 24 -31.43 15.19 16.50
C VAL B 24 -32.47 16.26 16.84
N CYS B 25 -33.73 15.87 16.96
CA CYS B 25 -34.83 16.82 17.13
C CYS B 25 -34.51 17.85 18.21
N ALA B 26 -34.03 17.37 19.35
CA ALA B 26 -33.71 18.22 20.50
C ALA B 26 -32.60 19.25 20.26
N ASP B 27 -31.69 18.97 19.33
CA ASP B 27 -30.52 19.83 19.12
C ASP B 27 -30.58 20.65 17.82
N LEU B 28 -31.61 20.46 17.00
CA LEU B 28 -31.66 21.04 15.64
C LEU B 28 -31.45 22.56 15.65
N HIS B 29 -31.92 23.19 16.72
CA HIS B 29 -31.74 24.61 16.92
C HIS B 29 -30.27 25.06 17.04
N ILE B 30 -29.35 24.18 17.47
CA ILE B 30 -27.93 24.56 17.59
C ILE B 30 -27.01 23.88 16.57
N GLN B 31 -27.29 22.62 16.23
CA GLN B 31 -26.47 21.89 15.31
C GLN B 31 -27.22 20.81 14.56
N ASN B 32 -26.67 20.43 13.41
CA ASN B 32 -27.22 19.37 12.59
C ASN B 32 -26.09 18.79 11.75
N LYS B 33 -26.41 17.88 10.83
CA LYS B 33 -25.36 17.23 10.04
C LYS B 33 -24.44 18.19 9.30
N THR B 34 -25.02 19.24 8.75
CA THR B 34 -24.32 20.20 7.90
C THR B 34 -23.87 21.47 8.64
N ASN B 35 -24.44 21.74 9.82
CA ASN B 35 -23.96 22.83 10.69
C ASN B 35 -23.46 22.20 11.97
N CYS B 36 -22.21 21.74 11.97
CA CYS B 36 -21.67 20.97 13.08
C CYS B 36 -20.38 21.65 13.59
N PRO B 37 -20.35 22.05 14.87
CA PRO B 37 -19.17 22.77 15.42
C PRO B 37 -18.03 21.85 15.86
N ILE B 38 -18.26 20.54 15.82
CA ILE B 38 -17.31 19.53 16.26
C ILE B 38 -16.33 19.25 15.11
N ILE B 39 -15.05 19.52 15.37
CA ILE B 39 -13.99 19.38 14.39
C ILE B 39 -13.05 18.26 14.90
N ASN B 40 -12.97 17.16 14.15
CA ASN B 40 -12.24 15.97 14.59
C ASN B 40 -10.78 16.15 14.19
N ILE C 1 -10.16 13.52 15.63
CA ILE C 1 -8.89 13.06 14.96
C ILE C 1 -9.22 12.32 13.67
N ARG C 2 -10.61 11.68 13.52
CA ARG C 2 -10.90 10.91 12.34
C ARG C 2 -12.40 11.03 12.11
N CYS C 3 -12.88 10.45 11.03
CA CYS C 3 -14.32 10.41 10.82
C CYS C 3 -14.98 9.55 11.89
N ASN C 4 -16.32 9.60 11.96
CA ASN C 4 -17.12 8.89 12.94
C ASN C 4 -17.93 7.80 12.27
N ASP C 5 -17.73 6.57 12.73
CA ASP C 5 -18.52 5.47 12.19
C ASP C 5 -19.88 5.48 12.88
N LYS C 6 -20.89 5.97 12.15
CA LYS C 6 -22.17 6.35 12.73
C LYS C 6 -23.33 5.98 11.82
N CYS C 7 -24.49 5.78 12.41
CA CYS C 7 -25.74 5.87 11.63
C CYS C 7 -26.19 7.32 11.66
N TYR C 8 -26.59 7.85 10.50
CA TYR C 8 -27.14 9.19 10.40
C TYR C 8 -28.56 9.16 9.88
N CYS C 9 -29.42 10.07 10.37
CA CYS C 9 -30.71 10.26 9.73
C CYS C 9 -30.50 10.87 8.37
N GLU C 10 -31.35 10.46 7.43
CA GLU C 10 -31.44 11.09 6.12
C GLU C 10 -31.78 12.57 6.28
N ASP C 11 -31.39 13.34 5.27
CA ASP C 11 -31.78 14.74 5.21
C ASP C 11 -33.32 14.79 5.25
N GLY C 12 -33.85 15.66 6.13
CA GLY C 12 -35.27 15.81 6.33
C GLY C 12 -35.77 15.12 7.57
N TYR C 13 -34.87 14.33 8.17
CA TYR C 13 -35.21 13.45 9.27
C TYR C 13 -34.26 13.70 10.44
N ALA C 14 -34.74 13.39 11.64
CA ALA C 14 -34.01 13.65 12.86
C ALA C 14 -34.44 12.64 13.93
N ARG C 15 -33.53 12.41 14.86
CA ARG C 15 -33.71 11.42 15.94
C ARG C 15 -34.75 11.92 16.95
N ASP C 16 -35.77 11.10 17.22
CA ASP C 16 -36.70 11.38 18.33
C ASP C 16 -36.11 10.86 19.65
N VAL C 17 -36.90 10.89 20.74
CA VAL C 17 -36.47 10.43 22.07
C VAL C 17 -36.13 8.93 22.07
N ASN C 18 -36.90 8.19 21.30
CA ASN C 18 -36.73 6.75 21.07
C ASN C 18 -35.43 6.38 20.28
N GLY C 19 -34.80 7.39 19.68
CA GLY C 19 -33.61 7.21 18.82
C GLY C 19 -33.92 6.85 17.38
N LYS C 20 -35.19 6.97 17.02
CA LYS C 20 -35.67 6.68 15.68
C LYS C 20 -35.61 7.95 14.86
N CYS C 21 -35.21 7.79 13.60
CA CYS C 21 -35.27 8.92 12.67
C CYS C 21 -36.71 9.09 12.21
N ILE C 22 -37.25 10.29 12.44
CA ILE C 22 -38.59 10.65 12.03
C ILE C 22 -38.53 11.95 11.24
N PRO C 23 -39.57 12.22 10.43
CA PRO C 23 -39.63 13.49 9.72
C PRO C 23 -39.44 14.68 10.68
N ILE C 24 -38.63 15.65 10.27
CA ILE C 24 -38.36 16.82 11.11
C ILE C 24 -39.63 17.61 11.47
N LYS C 25 -40.63 17.56 10.58
CA LYS C 25 -41.95 18.17 10.82
C LYS C 25 -42.70 17.51 11.98
N ASP C 26 -42.27 16.31 12.36
CA ASP C 26 -42.86 15.59 13.50
C ASP C 26 -42.07 15.73 14.79
N CYS C 27 -40.92 16.40 14.74
CA CYS C 27 -40.18 16.74 15.96
C CYS C 27 -41.04 17.64 16.87
N PRO C 28 -40.79 17.61 18.21
CA PRO C 28 -41.52 18.47 19.12
C PRO C 28 -40.77 19.78 19.44
N LYS C 29 -41.44 20.70 20.16
CA LYS C 29 -40.92 22.06 20.44
C LYS C 29 -39.42 22.19 20.80
N ILE C 30 -39.05 21.84 22.04
CA ILE C 30 -37.70 22.11 22.61
C ILE C 30 -37.12 23.45 22.15
N ILE D 1 -9.68 -5.68 1.06
CA ILE D 1 -10.59 -4.85 1.87
C ILE D 1 -11.98 -5.49 1.85
N THR D 2 -12.92 -4.89 2.54
CA THR D 2 -14.31 -5.34 2.41
C THR D 2 -15.12 -4.18 1.83
N GLY D 3 -16.01 -4.53 0.91
CA GLY D 3 -16.81 -3.53 0.22
C GLY D 3 -17.66 -4.25 -0.80
N THR D 4 -18.15 -3.52 -1.79
CA THR D 4 -19.07 -4.11 -2.78
C THR D 4 -18.30 -4.54 -4.03
N SER D 5 -18.65 -5.70 -4.58
CA SER D 5 -18.04 -6.17 -5.82
C SER D 5 -18.62 -5.36 -6.97
N THR D 6 -17.72 -4.71 -7.70
CA THR D 6 -18.07 -3.84 -8.81
C THR D 6 -17.34 -4.30 -10.10
N VAL D 7 -17.79 -3.81 -11.25
CA VAL D 7 -17.09 -4.07 -12.51
C VAL D 7 -16.63 -2.75 -13.11
N GLY D 8 -15.32 -2.56 -13.15
CA GLY D 8 -14.72 -1.38 -13.76
C GLY D 8 -14.38 -1.63 -15.23
N VAL D 9 -13.87 -0.59 -15.90
CA VAL D 9 -13.45 -0.72 -17.29
C VAL D 9 -12.06 -0.06 -17.42
N GLY D 10 -11.18 -0.74 -18.14
CA GLY D 10 -9.82 -0.24 -18.31
C GLY D 10 -9.31 -0.47 -19.71
N ARG D 11 -8.13 0.10 -19.97
CA ARG D 11 -7.39 -0.12 -21.21
C ARG D 11 -6.05 -0.70 -20.77
N GLY D 12 -5.63 -1.78 -21.43
CA GLY D 12 -4.40 -2.46 -21.08
C GLY D 12 -3.19 -1.87 -21.76
N VAL D 13 -2.06 -2.54 -21.58
CA VAL D 13 -0.75 -2.12 -22.08
C VAL D 13 -0.75 -1.87 -23.58
N LEU D 14 -1.45 -2.75 -24.30
CA LEU D 14 -1.54 -2.67 -25.76
C LEU D 14 -2.69 -1.80 -26.26
N GLY D 15 -3.37 -1.08 -25.35
CA GLY D 15 -4.45 -0.16 -25.71
C GLY D 15 -5.85 -0.76 -25.84
N ASP D 16 -5.98 -2.03 -25.46
CA ASP D 16 -7.24 -2.76 -25.58
C ASP D 16 -8.14 -2.58 -24.35
N GLN D 17 -9.44 -2.46 -24.60
CA GLN D 17 -10.36 -2.20 -23.51
C GLN D 17 -10.82 -3.52 -22.91
N LYS D 18 -10.91 -3.57 -21.60
CA LYS D 18 -11.46 -4.76 -20.97
C LYS D 18 -12.13 -4.39 -19.65
N ASN D 19 -13.04 -5.24 -19.22
CA ASN D 19 -13.72 -5.08 -17.93
C ASN D 19 -12.90 -5.78 -16.87
N ILE D 20 -12.86 -5.18 -15.67
CA ILE D 20 -12.09 -5.75 -14.57
C ILE D 20 -12.92 -5.73 -13.31
N ASN D 21 -12.75 -6.79 -12.52
CA ASN D 21 -13.44 -6.93 -11.25
C ASN D 21 -12.74 -6.12 -10.17
N THR D 22 -13.49 -5.19 -9.56
CA THR D 22 -12.99 -4.32 -8.50
C THR D 22 -13.85 -4.45 -7.22
N THR D 23 -13.45 -3.74 -6.17
CA THR D 23 -14.20 -3.68 -4.90
C THR D 23 -14.32 -2.22 -4.52
N TYR D 24 -15.54 -1.81 -4.17
CA TYR D 24 -15.79 -0.43 -3.81
C TYR D 24 -15.90 -0.23 -2.31
N SER D 25 -15.04 0.65 -1.81
CA SER D 25 -15.12 1.11 -0.45
C SER D 25 -14.41 2.47 -0.41
N THR D 26 -15.21 3.52 -0.59
CA THR D 26 -14.68 4.89 -0.81
C THR D 26 -13.96 5.03 -2.16
N TYR D 27 -12.93 4.20 -2.38
CA TYR D 27 -12.22 4.05 -3.65
C TYR D 27 -12.61 2.72 -4.29
N TYR D 28 -12.40 2.60 -5.59
CA TYR D 28 -12.49 1.29 -6.27
C TYR D 28 -11.10 0.66 -6.30
N TYR D 29 -10.99 -0.53 -5.70
CA TYR D 29 -9.72 -1.24 -5.54
C TYR D 29 -9.62 -2.37 -6.56
N LEU D 30 -8.40 -2.67 -7.01
CA LEU D 30 -8.17 -3.83 -7.87
C LEU D 30 -8.12 -5.10 -7.01
N GLN D 31 -9.32 -5.54 -6.66
CA GLN D 31 -9.57 -6.69 -5.81
C GLN D 31 -10.78 -7.37 -6.40
N ASP D 32 -10.54 -8.56 -6.95
CA ASP D 32 -11.49 -9.35 -7.68
C ASP D 32 -11.97 -10.44 -6.73
N ASN D 33 -13.22 -10.32 -6.29
CA ASN D 33 -13.79 -11.23 -5.31
C ASN D 33 -14.40 -12.45 -5.96
N THR D 34 -14.37 -12.50 -7.29
CA THR D 34 -15.11 -13.52 -8.05
C THR D 34 -14.36 -14.83 -8.24
N ARG D 35 -13.10 -14.85 -7.82
CA ARG D 35 -12.21 -16.01 -8.02
C ARG D 35 -11.48 -16.39 -6.74
N GLY D 36 -11.81 -17.56 -6.18
CA GLY D 36 -11.21 -18.06 -4.95
C GLY D 36 -11.25 -17.07 -3.78
N ASN D 37 -10.09 -16.89 -3.15
CA ASN D 37 -9.92 -15.94 -2.05
C ASN D 37 -9.44 -14.59 -2.57
N GLY D 38 -9.60 -14.35 -3.87
CA GLY D 38 -9.40 -13.03 -4.45
C GLY D 38 -8.18 -12.94 -5.35
N ILE D 39 -8.24 -11.96 -6.27
CA ILE D 39 -7.08 -11.54 -7.04
C ILE D 39 -6.88 -10.08 -6.68
N PHE D 40 -5.68 -9.78 -6.21
CA PHE D 40 -5.31 -8.44 -5.73
C PHE D 40 -4.15 -7.89 -6.53
N THR D 41 -4.29 -6.66 -7.00
CA THR D 41 -3.21 -5.97 -7.76
C THR D 41 -2.80 -4.69 -7.06
N TYR D 42 -1.47 -4.52 -6.96
CA TYR D 42 -0.83 -3.52 -6.13
C TYR D 42 0.03 -2.63 -7.00
N ASP D 43 0.18 -1.39 -6.56
CA ASP D 43 1.13 -0.45 -7.17
C ASP D 43 2.44 -0.41 -6.36
N ALA D 44 3.56 -0.79 -7.00
CA ALA D 44 4.88 -0.70 -6.38
C ALA D 44 5.47 0.71 -6.57
N LYS D 45 4.81 1.53 -7.41
CA LYS D 45 5.14 2.98 -7.52
C LYS D 45 6.61 3.28 -7.83
N TYR D 46 7.20 2.51 -8.74
CA TYR D 46 8.58 2.68 -9.21
C TYR D 46 9.63 2.40 -8.12
N ARG D 47 9.20 1.75 -7.06
CA ARG D 47 10.08 1.40 -5.95
C ARG D 47 10.16 -0.11 -5.88
N THR D 48 10.93 -0.64 -4.92
CA THR D 48 11.11 -2.09 -4.82
C THR D 48 10.47 -2.71 -3.60
N THR D 49 9.76 -1.90 -2.80
CA THR D 49 8.99 -2.43 -1.68
C THR D 49 7.81 -3.25 -2.21
N LEU D 50 7.65 -4.44 -1.64
CA LEU D 50 6.60 -5.35 -2.05
C LEU D 50 5.71 -5.71 -0.88
N PRO D 51 4.39 -5.90 -1.14
CA PRO D 51 3.73 -5.73 -2.45
C PRO D 51 3.46 -4.28 -2.89
N GLY D 52 3.57 -3.33 -1.97
CA GLY D 52 3.16 -1.97 -2.23
C GLY D 52 1.72 -1.75 -1.83
N SER D 53 1.10 -0.74 -2.42
CA SER D 53 -0.29 -0.36 -2.07
C SER D 53 -1.31 -1.07 -2.93
N LEU D 54 -2.36 -1.59 -2.30
CA LEU D 54 -3.47 -2.14 -3.08
C LEU D 54 -4.03 -1.03 -3.99
N TRP D 55 -4.16 -1.35 -5.28
CA TRP D 55 -4.46 -0.35 -6.30
C TRP D 55 -5.83 0.30 -6.05
N ALA D 56 -5.82 1.63 -5.86
CA ALA D 56 -7.02 2.40 -5.54
C ALA D 56 -7.29 3.42 -6.64
N ASP D 57 -8.54 3.47 -7.13
CA ASP D 57 -8.94 4.38 -8.18
C ASP D 57 -10.26 5.11 -7.80
N ALA D 58 -10.30 6.42 -7.99
CA ALA D 58 -11.45 7.23 -7.56
C ALA D 58 -12.77 6.90 -8.28
N ASP D 59 -12.71 6.44 -9.54
CA ASP D 59 -13.93 6.41 -10.36
C ASP D 59 -14.22 5.09 -11.10
N ASN D 60 -13.37 4.09 -10.92
CA ASN D 60 -13.59 2.76 -11.50
C ASN D 60 -13.35 2.69 -13.00
N GLN D 61 -12.63 3.69 -13.50
CA GLN D 61 -12.27 3.77 -14.90
C GLN D 61 -10.76 3.87 -14.97
N PHE D 62 -10.15 2.93 -15.69
CA PHE D 62 -8.70 2.74 -15.68
C PHE D 62 -8.13 2.95 -17.09
N PHE D 63 -8.21 4.19 -17.55
CA PHE D 63 -7.75 4.58 -18.88
C PHE D 63 -6.46 5.41 -18.93
N ALA D 64 -5.83 5.68 -17.79
CA ALA D 64 -4.59 6.47 -17.81
C ALA D 64 -3.48 5.53 -18.21
N SER D 65 -2.45 6.04 -18.87
CA SER D 65 -1.34 5.18 -19.28
C SER D 65 -0.78 4.50 -18.05
N TYR D 66 -0.75 5.23 -16.92
CA TYR D 66 -0.20 4.68 -15.66
C TYR D 66 -0.98 3.46 -15.19
N ASP D 67 -2.26 3.39 -15.56
CA ASP D 67 -3.15 2.31 -15.13
C ASP D 67 -2.95 1.03 -15.94
N ALA D 68 -2.42 1.17 -17.16
CA ALA D 68 -2.42 0.06 -18.11
C ALA D 68 -1.80 -1.24 -17.58
N PRO D 69 -0.60 -1.16 -16.96
CA PRO D 69 0.00 -2.42 -16.50
C PRO D 69 -0.81 -3.15 -15.41
N ALA D 70 -1.51 -2.36 -14.59
CA ALA D 70 -2.36 -2.88 -13.53
C ALA D 70 -3.61 -3.60 -14.08
N VAL D 71 -4.27 -2.96 -15.02
CA VAL D 71 -5.39 -3.55 -15.74
C VAL D 71 -5.01 -4.96 -16.23
N ASP D 72 -3.90 -5.06 -16.98
CA ASP D 72 -3.50 -6.36 -17.56
C ASP D 72 -3.05 -7.38 -16.52
N ALA D 73 -2.28 -6.97 -15.50
CA ALA D 73 -1.86 -7.92 -14.47
C ALA D 73 -3.09 -8.54 -13.81
N HIS D 74 -4.06 -7.70 -13.48
CA HIS D 74 -5.28 -8.10 -12.79
C HIS D 74 -6.14 -9.03 -13.67
N TYR D 75 -6.38 -8.60 -14.90
CA TYR D 75 -7.24 -9.33 -15.82
C TYR D 75 -6.62 -10.67 -16.21
N TYR D 76 -5.34 -10.66 -16.59
CA TYR D 76 -4.67 -11.91 -17.01
C TYR D 76 -4.46 -12.89 -15.83
N ALA D 77 -4.32 -12.37 -14.62
CA ALA D 77 -4.31 -13.25 -13.42
C ALA D 77 -5.65 -14.03 -13.35
N GLY D 78 -6.75 -13.30 -13.58
CA GLY D 78 -8.07 -13.93 -13.66
C GLY D 78 -8.23 -15.00 -14.73
N VAL D 79 -7.76 -14.70 -15.94
CA VAL D 79 -7.73 -15.68 -17.03
C VAL D 79 -6.94 -16.95 -16.62
N THR D 80 -5.76 -16.77 -16.04
CA THR D 80 -4.90 -17.92 -15.62
C THR D 80 -5.59 -18.75 -14.52
N TYR D 81 -6.22 -18.06 -13.55
CA TYR D 81 -7.03 -18.71 -12.53
C TYR D 81 -8.15 -19.58 -13.19
N ASP D 82 -8.85 -18.99 -14.14
CA ASP D 82 -9.94 -19.71 -14.81
C ASP D 82 -9.40 -20.92 -15.55
N TYR D 83 -8.24 -20.79 -16.19
CA TYR D 83 -7.64 -21.91 -16.93
C TYR D 83 -7.38 -23.08 -16.02
N TYR D 84 -6.70 -22.82 -14.91
CA TYR D 84 -6.34 -23.91 -13.99
C TYR D 84 -7.57 -24.56 -13.34
N LYS D 85 -8.56 -23.73 -12.99
CA LYS D 85 -9.79 -24.27 -12.39
C LYS D 85 -10.61 -25.03 -13.42
N ASN D 86 -10.91 -24.40 -14.56
CA ASN D 86 -11.78 -25.03 -15.55
C ASN D 86 -11.15 -26.24 -16.25
N VAL D 87 -9.86 -26.13 -16.58
CA VAL D 87 -9.18 -27.18 -17.36
C VAL D 87 -8.62 -28.29 -16.48
N HIS D 88 -8.02 -27.92 -15.36
CA HIS D 88 -7.36 -28.91 -14.48
C HIS D 88 -8.00 -29.09 -13.12
N ASN D 89 -9.15 -28.45 -12.88
CA ASN D 89 -9.84 -28.53 -11.59
C ASN D 89 -8.87 -28.22 -10.45
N ARG D 90 -8.00 -27.22 -10.68
CA ARG D 90 -7.05 -26.72 -9.68
C ARG D 90 -7.51 -25.36 -9.17
N LEU D 91 -7.63 -25.23 -7.86
CA LEU D 91 -8.12 -23.99 -7.27
C LEU D 91 -6.96 -23.13 -6.85
N SER D 92 -6.67 -22.12 -7.69
CA SER D 92 -5.49 -21.27 -7.54
C SER D 92 -4.17 -22.07 -7.60
N TYR D 93 -3.06 -21.43 -7.28
CA TYR D 93 -1.75 -22.05 -7.51
C TYR D 93 -1.44 -23.13 -6.50
N ASP D 94 -2.01 -23.03 -5.31
CA ASP D 94 -1.76 -24.03 -4.25
C ASP D 94 -2.83 -25.11 -4.19
N GLY D 95 -3.86 -24.98 -5.02
CA GLY D 95 -4.97 -25.95 -5.01
C GLY D 95 -5.95 -25.77 -3.87
N ASN D 96 -5.75 -24.69 -3.08
CA ASN D 96 -6.53 -24.36 -1.91
C ASN D 96 -7.05 -22.92 -1.95
N ASN D 97 -7.16 -22.38 -3.17
CA ASN D 97 -7.64 -21.02 -3.40
C ASN D 97 -6.82 -19.91 -2.74
N ALA D 98 -5.50 -20.06 -2.70
CA ALA D 98 -4.63 -18.94 -2.28
C ALA D 98 -4.98 -17.67 -3.03
N ALA D 99 -5.00 -16.56 -2.31
CA ALA D 99 -5.13 -15.26 -2.93
C ALA D 99 -3.97 -15.07 -3.91
N ILE D 100 -4.29 -14.47 -5.05
CA ILE D 100 -3.31 -14.19 -6.08
C ILE D 100 -2.99 -12.73 -6.07
N ARG D 101 -1.71 -12.43 -5.89
CA ARG D 101 -1.26 -11.08 -5.67
C ARG D 101 -0.24 -10.71 -6.76
N SER D 102 -0.39 -9.52 -7.34
CA SER D 102 0.56 -8.98 -8.32
C SER D 102 0.89 -7.56 -8.02
N SER D 103 2.11 -7.15 -8.33
CA SER D 103 2.51 -5.75 -8.18
C SER D 103 3.07 -5.28 -9.53
N VAL D 104 2.73 -4.06 -9.92
CA VAL D 104 3.20 -3.49 -11.16
C VAL D 104 3.95 -2.21 -10.83
N HIS D 105 4.55 -1.60 -11.85
CA HIS D 105 5.44 -0.48 -11.70
C HIS D 105 6.58 -0.76 -10.72
N TYR D 106 7.11 -1.97 -10.77
CA TYR D 106 8.23 -2.35 -9.94
C TYR D 106 9.53 -1.76 -10.44
N SER D 107 10.21 -1.01 -9.58
CA SER D 107 11.49 -0.38 -9.90
C SER D 107 11.37 0.56 -11.12
N GLN D 108 12.48 0.84 -11.79
CA GLN D 108 12.47 1.76 -12.92
C GLN D 108 13.22 1.11 -14.08
N GLY D 109 12.64 1.20 -15.27
CA GLY D 109 13.25 0.59 -16.44
C GLY D 109 13.55 -0.89 -16.28
N TYR D 110 12.71 -1.60 -15.52
CA TYR D 110 12.99 -2.97 -15.08
C TYR D 110 12.50 -3.97 -16.11
N ASN D 111 13.45 -4.58 -16.82
CA ASN D 111 13.17 -5.47 -17.95
C ASN D 111 12.87 -6.94 -17.57
N ASN D 112 11.96 -7.16 -16.63
CA ASN D 112 11.67 -8.52 -16.22
C ASN D 112 10.38 -8.60 -15.43
N ALA D 113 9.98 -9.85 -15.18
CA ALA D 113 8.85 -10.16 -14.33
C ALA D 113 9.24 -11.38 -13.50
N PHE D 114 8.56 -11.59 -12.38
CA PHE D 114 8.88 -12.74 -11.54
C PHE D 114 7.75 -13.18 -10.61
N TRP D 115 7.90 -14.43 -10.15
CA TRP D 115 7.27 -14.98 -8.94
C TRP D 115 8.31 -15.01 -7.80
N ASN D 116 7.98 -14.49 -6.62
CA ASN D 116 8.98 -14.43 -5.53
C ASN D 116 8.68 -15.40 -4.38
N GLY D 117 7.82 -16.37 -4.62
CA GLY D 117 7.35 -17.27 -3.55
C GLY D 117 6.03 -16.82 -2.92
N SER D 118 5.66 -15.55 -3.09
CA SER D 118 4.41 -15.02 -2.52
C SER D 118 3.50 -14.33 -3.55
N GLN D 119 4.08 -13.70 -4.56
CA GLN D 119 3.31 -12.90 -5.50
C GLN D 119 4.03 -12.75 -6.84
N MET D 120 3.30 -12.28 -7.83
CA MET D 120 3.87 -11.89 -9.11
C MET D 120 4.28 -10.41 -9.08
N VAL D 121 5.34 -10.10 -9.82
CA VAL D 121 5.87 -8.74 -9.88
C VAL D 121 6.23 -8.46 -11.34
N TYR D 122 5.86 -7.27 -11.83
CA TYR D 122 6.11 -6.88 -13.21
C TYR D 122 6.82 -5.57 -13.28
N GLY D 123 7.96 -5.54 -13.96
CA GLY D 123 8.56 -4.27 -14.35
C GLY D 123 7.76 -3.55 -15.43
N ASP D 124 8.13 -2.29 -15.69
CA ASP D 124 7.57 -1.50 -16.78
C ASP D 124 8.35 -1.66 -18.07
N GLY D 125 9.53 -2.28 -17.98
CA GLY D 125 10.50 -2.28 -19.06
C GLY D 125 11.12 -0.92 -19.22
N ASP D 126 12.15 -0.85 -20.06
CA ASP D 126 12.86 0.41 -20.32
C ASP D 126 12.18 1.25 -21.42
N GLY D 127 11.11 0.70 -22.01
CA GLY D 127 10.32 1.43 -23.01
C GLY D 127 10.78 1.27 -24.45
N GLN D 128 12.03 0.84 -24.65
CA GLN D 128 12.58 0.61 -25.98
C GLN D 128 12.76 -0.89 -26.27
N THR D 129 13.27 -1.65 -25.30
CA THR D 129 13.45 -3.09 -25.48
C THR D 129 12.30 -3.92 -24.84
N PHE D 130 11.61 -3.33 -23.86
CA PHE D 130 10.38 -3.90 -23.29
C PHE D 130 9.39 -2.79 -22.95
N ILE D 131 8.11 -3.17 -23.00
CA ILE D 131 7.03 -2.38 -22.45
C ILE D 131 6.49 -3.17 -21.23
N PRO D 132 5.59 -2.58 -20.45
CA PRO D 132 5.21 -3.24 -19.16
C PRO D 132 4.81 -4.71 -19.34
N LEU D 133 5.48 -5.58 -18.59
CA LEU D 133 5.51 -7.02 -18.92
C LEU D 133 4.20 -7.78 -18.63
N SER D 134 3.34 -7.19 -17.82
CA SER D 134 2.00 -7.75 -17.62
C SER D 134 1.15 -7.70 -18.89
N GLY D 135 1.57 -6.92 -19.90
CA GLY D 135 0.88 -6.87 -21.20
C GLY D 135 0.80 -8.21 -21.94
N GLY D 136 1.63 -9.17 -21.54
CA GLY D 136 1.65 -10.49 -22.16
C GLY D 136 0.93 -11.53 -21.34
N ILE D 137 -0.09 -12.14 -21.91
CA ILE D 137 -0.86 -13.17 -21.18
C ILE D 137 0.03 -14.36 -20.90
N ASP D 138 0.86 -14.73 -21.88
CA ASP D 138 1.83 -15.82 -21.68
C ASP D 138 2.81 -15.50 -20.56
N VAL D 139 3.26 -14.26 -20.48
CA VAL D 139 4.19 -13.88 -19.42
C VAL D 139 3.51 -14.05 -18.07
N VAL D 140 2.31 -13.46 -17.93
CA VAL D 140 1.53 -13.55 -16.67
C VAL D 140 1.30 -15.02 -16.24
N ALA D 141 0.83 -15.85 -17.18
CA ALA D 141 0.56 -17.26 -16.88
C ALA D 141 1.84 -18.04 -16.60
N HIS D 142 2.93 -17.63 -17.25
CA HIS D 142 4.25 -18.20 -16.99
C HIS D 142 4.67 -17.97 -15.52
N GLU D 143 4.52 -16.74 -15.05
CA GLU D 143 4.91 -16.42 -13.68
C GLU D 143 4.04 -17.18 -12.68
N LEU D 144 2.73 -17.16 -12.89
CA LEU D 144 1.82 -17.86 -11.99
C LEU D 144 2.09 -19.37 -12.01
N THR D 145 2.47 -19.91 -13.16
CA THR D 145 2.82 -21.33 -13.25
C THR D 145 4.05 -21.68 -12.38
N HIS D 146 4.98 -20.74 -12.19
CA HIS D 146 6.07 -21.00 -11.21
C HIS D 146 5.56 -21.27 -9.80
N ALA D 147 4.49 -20.58 -9.40
CA ALA D 147 3.81 -20.84 -8.12
C ALA D 147 3.25 -22.26 -8.08
N VAL D 148 2.59 -22.65 -9.16
CA VAL D 148 2.04 -24.01 -9.28
C VAL D 148 3.13 -25.07 -9.14
N THR D 149 4.23 -24.90 -9.86
CA THR D 149 5.38 -25.80 -9.80
C THR D 149 5.97 -25.84 -8.39
N ASP D 150 6.09 -24.67 -7.77
CA ASP D 150 6.57 -24.55 -6.37
C ASP D 150 5.76 -25.42 -5.41
N TYR D 151 4.44 -25.31 -5.47
CA TYR D 151 3.51 -26.10 -4.61
C TYR D 151 3.23 -27.53 -5.07
N THR D 152 3.84 -27.99 -6.17
CA THR D 152 3.62 -29.36 -6.64
C THR D 152 4.93 -30.14 -6.65
N ALA D 153 5.63 -30.08 -7.78
CA ALA D 153 6.91 -30.77 -8.00
C ALA D 153 8.09 -30.16 -7.22
N GLY D 154 8.10 -28.84 -7.04
CA GLY D 154 9.18 -28.19 -6.29
C GLY D 154 10.52 -28.17 -7.03
N LEU D 155 10.45 -28.33 -8.36
CA LEU D 155 11.63 -28.32 -9.25
C LEU D 155 12.63 -27.23 -8.90
N ILE D 156 13.86 -27.66 -8.65
CA ILE D 156 14.91 -26.77 -8.19
C ILE D 156 15.35 -25.89 -9.34
N TYR D 157 15.49 -24.58 -9.09
CA TYR D 157 15.69 -23.63 -10.19
C TYR D 157 17.15 -23.51 -10.55
N GLN D 158 17.68 -24.63 -10.99
CA GLN D 158 19.09 -24.79 -11.35
C GLN D 158 19.20 -26.01 -12.29
N ASN D 159 20.07 -25.91 -13.30
CA ASN D 159 20.42 -27.05 -14.16
C ASN D 159 19.20 -27.68 -14.85
N GLU D 160 19.15 -28.99 -15.02
CA GLU D 160 18.03 -29.55 -15.80
C GLU D 160 16.67 -29.37 -15.13
N SER D 161 16.59 -29.59 -13.81
CA SER D 161 15.31 -29.41 -13.08
C SER D 161 14.82 -27.97 -13.25
N GLY D 162 15.76 -27.03 -13.27
CA GLY D 162 15.44 -25.65 -13.48
C GLY D 162 14.96 -25.41 -14.90
N ALA D 163 15.56 -26.10 -15.87
CA ALA D 163 15.12 -25.98 -17.28
C ALA D 163 13.72 -26.57 -17.47
N ILE D 164 13.42 -27.65 -16.77
CA ILE D 164 12.06 -28.20 -16.76
C ILE D 164 11.09 -27.21 -16.10
N ASN D 165 11.48 -26.65 -14.95
CA ASN D 165 10.68 -25.63 -14.29
C ASN D 165 10.29 -24.57 -15.32
N GLU D 166 11.30 -24.03 -16.01
CA GLU D 166 11.08 -23.05 -17.08
C GLU D 166 10.17 -23.52 -18.22
N ALA D 167 10.43 -24.71 -18.75
CA ALA D 167 9.60 -25.19 -19.86
C ALA D 167 8.11 -25.36 -19.41
N ILE D 168 7.90 -25.86 -18.19
CA ILE D 168 6.54 -25.96 -17.60
C ILE D 168 5.85 -24.58 -17.59
N SER D 169 6.56 -23.54 -17.17
CA SER D 169 5.97 -22.20 -17.19
C SER D 169 5.71 -21.72 -18.62
N ASP D 170 6.59 -22.07 -19.58
CA ASP D 170 6.41 -21.69 -20.95
C ASP D 170 5.24 -22.46 -21.60
N ILE D 171 5.17 -23.76 -21.28
CA ILE D 171 4.09 -24.62 -21.75
C ILE D 171 2.72 -24.15 -21.28
N PHE D 172 2.54 -23.97 -19.97
CA PHE D 172 1.24 -23.52 -19.49
C PHE D 172 0.98 -22.04 -19.78
N GLY D 173 2.03 -21.24 -19.84
CA GLY D 173 1.90 -19.87 -20.31
C GLY D 173 1.23 -19.85 -21.67
N THR D 174 1.72 -20.71 -22.55
CA THR D 174 1.21 -20.83 -23.92
C THR D 174 -0.17 -21.42 -23.97
N LEU D 175 -0.39 -22.49 -23.19
CA LEU D 175 -1.74 -23.10 -23.09
C LEU D 175 -2.79 -22.13 -22.53
N VAL D 176 -2.41 -21.28 -21.58
CA VAL D 176 -3.30 -20.18 -21.12
C VAL D 176 -3.57 -19.17 -22.24
N GLU D 177 -2.52 -18.79 -22.96
CA GLU D 177 -2.68 -17.89 -24.11
C GLU D 177 -3.71 -18.44 -25.11
N PHE D 178 -3.59 -19.72 -25.43
CA PHE D 178 -4.55 -20.40 -26.29
C PHE D 178 -5.94 -20.50 -25.65
N TYR D 179 -5.99 -20.70 -24.35
CA TYR D 179 -7.27 -20.77 -23.64
C TYR D 179 -8.03 -19.42 -23.73
N ALA D 180 -7.31 -18.31 -23.54
CA ALA D 180 -7.87 -16.97 -23.76
C ALA D 180 -8.24 -16.74 -25.23
N ASN D 181 -7.37 -17.26 -26.11
CA ASN D 181 -7.67 -17.32 -27.53
C ASN D 181 -7.90 -15.97 -28.20
N LYS D 182 -7.08 -14.98 -27.84
CA LYS D 182 -7.06 -13.72 -28.58
C LYS D 182 -6.08 -13.86 -29.76
N ASN D 183 -4.77 -13.78 -29.50
CA ASN D 183 -3.73 -13.91 -30.52
C ASN D 183 -2.74 -15.02 -30.12
N PRO D 184 -3.20 -16.28 -30.06
CA PRO D 184 -2.25 -17.25 -29.50
C PRO D 184 -1.20 -17.75 -30.49
N ASP D 185 -0.03 -18.07 -29.95
CA ASP D 185 1.06 -18.60 -30.72
C ASP D 185 1.94 -19.45 -29.78
N TRP D 186 2.98 -20.05 -30.33
CA TRP D 186 3.90 -20.89 -29.58
C TRP D 186 5.19 -20.11 -29.30
N GLU D 187 5.09 -18.78 -29.31
CA GLU D 187 6.19 -17.91 -28.94
C GLU D 187 5.93 -17.36 -27.52
N ILE D 188 7.00 -16.88 -26.89
CA ILE D 188 6.89 -16.35 -25.51
C ILE D 188 7.20 -14.86 -25.43
N GLY D 189 6.23 -14.06 -24.98
CA GLY D 189 6.48 -12.65 -24.68
C GLY D 189 6.48 -11.69 -25.84
N GLU D 190 6.01 -12.17 -26.99
CA GLU D 190 5.94 -11.34 -28.20
C GLU D 190 5.17 -10.05 -27.96
N ASP D 191 4.19 -10.05 -27.07
CA ASP D 191 3.35 -8.86 -26.86
C ASP D 191 4.04 -7.74 -26.09
N VAL D 192 5.14 -8.05 -25.40
CA VAL D 192 5.80 -7.05 -24.54
C VAL D 192 7.28 -6.80 -24.88
N TYR D 193 7.81 -7.58 -25.82
CA TYR D 193 9.21 -7.52 -26.22
C TYR D 193 9.44 -6.61 -27.41
N THR D 194 10.49 -5.80 -27.33
CA THR D 194 10.99 -4.98 -28.45
C THR D 194 9.90 -4.29 -29.28
N PRO D 195 9.28 -3.23 -28.74
CA PRO D 195 8.26 -2.56 -29.54
C PRO D 195 8.75 -2.04 -30.91
N GLY D 196 10.07 -1.97 -31.12
CA GLY D 196 10.65 -1.59 -32.44
C GLY D 196 11.04 -2.72 -33.41
N ILE D 197 10.59 -3.95 -33.13
CA ILE D 197 10.74 -5.10 -34.02
C ILE D 197 9.40 -5.85 -34.01
N SER D 198 8.69 -5.90 -35.14
CA SER D 198 7.47 -6.73 -35.16
C SER D 198 7.86 -8.19 -35.44
N GLY D 199 7.09 -9.13 -34.90
CA GLY D 199 7.25 -10.57 -35.24
C GLY D 199 8.36 -11.34 -34.52
N ASP D 200 9.04 -10.71 -33.57
CA ASP D 200 10.03 -11.40 -32.76
C ASP D 200 9.46 -11.70 -31.35
N SER D 201 10.27 -12.28 -30.48
CA SER D 201 9.84 -12.66 -29.13
C SER D 201 11.08 -13.06 -28.30
N LEU D 202 10.85 -13.38 -27.03
CA LEU D 202 11.96 -13.79 -26.14
C LEU D 202 12.43 -15.19 -26.47
N ARG D 203 11.45 -16.08 -26.63
CA ARG D 203 11.68 -17.48 -26.95
C ARG D 203 10.65 -17.99 -27.94
N SER D 204 11.03 -19.04 -28.67
CA SER D 204 10.10 -19.77 -29.51
C SER D 204 10.10 -21.24 -29.07
N MET D 205 8.90 -21.79 -28.85
CA MET D 205 8.77 -23.23 -28.59
C MET D 205 8.80 -24.06 -29.89
N SER D 206 8.29 -23.50 -30.98
CA SER D 206 8.23 -24.18 -32.27
C SER D 206 9.61 -24.25 -32.94
N ASP D 207 10.44 -23.24 -32.70
CA ASP D 207 11.78 -23.22 -33.23
C ASP D 207 12.70 -22.46 -32.25
N PRO D 208 13.11 -23.14 -31.16
CA PRO D 208 13.98 -22.52 -30.15
C PRO D 208 15.26 -21.92 -30.73
N ALA D 209 15.78 -22.55 -31.78
CA ALA D 209 17.03 -22.08 -32.45
C ALA D 209 16.90 -20.68 -33.08
N LYS D 210 15.66 -20.23 -33.33
CA LYS D 210 15.42 -18.86 -33.85
C LYS D 210 16.02 -17.76 -32.99
N TYR D 211 16.04 -17.98 -31.68
CA TYR D 211 16.60 -17.01 -30.73
C TYR D 211 17.78 -17.60 -29.96
N GLY D 212 18.50 -18.52 -30.61
CA GLY D 212 19.75 -19.09 -30.09
C GLY D 212 19.67 -20.15 -28.99
N ASP D 213 18.48 -20.71 -28.78
CA ASP D 213 18.30 -21.74 -27.78
C ASP D 213 18.35 -23.13 -28.39
N PRO D 214 18.84 -24.13 -27.63
CA PRO D 214 18.94 -25.49 -28.15
C PRO D 214 17.60 -26.13 -28.42
N ASP D 215 17.55 -26.94 -29.49
CA ASP D 215 16.37 -27.72 -29.88
C ASP D 215 16.65 -29.23 -29.91
N HIS D 216 17.80 -29.61 -29.36
CA HIS D 216 18.20 -31.00 -29.24
C HIS D 216 19.15 -31.14 -28.05
N TYR D 217 19.07 -32.27 -27.33
CA TYR D 217 19.90 -32.50 -26.14
C TYR D 217 21.43 -32.38 -26.40
N SER D 218 21.83 -32.72 -27.63
CA SER D 218 23.24 -32.65 -28.05
C SER D 218 23.77 -31.22 -28.06
N LYS D 219 22.86 -30.26 -28.18
CA LYS D 219 23.18 -28.86 -28.22
C LYS D 219 22.96 -28.16 -26.87
N ARG D 220 22.73 -28.93 -25.81
CA ARG D 220 22.43 -28.33 -24.52
C ARG D 220 23.61 -27.51 -24.00
N TYR D 221 23.29 -26.44 -23.27
CA TYR D 221 24.27 -25.57 -22.61
C TYR D 221 24.66 -26.17 -21.26
N THR D 222 25.96 -26.27 -21.01
CA THR D 222 26.45 -26.91 -19.77
C THR D 222 27.22 -25.93 -18.89
N GLY D 223 27.27 -24.65 -19.26
CA GLY D 223 27.98 -23.63 -18.48
C GLY D 223 27.24 -23.21 -17.21
N THR D 224 27.76 -22.18 -16.55
CA THR D 224 27.23 -21.72 -15.26
C THR D 224 26.21 -20.57 -15.36
N GLN D 225 26.13 -19.94 -16.54
CA GLN D 225 25.28 -18.78 -16.68
C GLN D 225 23.79 -19.16 -16.65
N ASP D 226 22.95 -18.19 -16.28
CA ASP D 226 21.51 -18.38 -16.22
C ASP D 226 21.16 -19.62 -15.39
N ASN D 227 21.78 -19.70 -14.19
CA ASN D 227 21.53 -20.84 -13.27
C ASN D 227 21.71 -22.20 -13.95
N GLY D 228 22.73 -22.27 -14.81
CA GLY D 228 23.00 -23.48 -15.57
C GLY D 228 22.05 -23.65 -16.73
N GLY D 229 21.73 -22.53 -17.39
CA GLY D 229 20.90 -22.51 -18.61
C GLY D 229 19.41 -22.76 -18.50
N VAL D 230 18.77 -22.36 -17.40
CA VAL D 230 17.35 -22.68 -17.19
C VAL D 230 16.44 -22.09 -18.30
N HIS D 231 16.75 -20.88 -18.79
CA HIS D 231 15.97 -20.25 -19.87
C HIS D 231 16.50 -20.62 -21.27
N ILE D 232 17.59 -21.38 -21.31
CA ILE D 232 18.27 -21.75 -22.56
C ILE D 232 17.86 -23.19 -22.89
N ASN D 233 18.21 -24.13 -22.02
CA ASN D 233 17.85 -25.53 -22.19
C ASN D 233 16.37 -25.86 -22.08
N SER D 234 15.56 -24.91 -21.61
CA SER D 234 14.11 -25.05 -21.72
C SER D 234 13.68 -25.30 -23.18
N GLY D 235 14.46 -24.78 -24.14
CA GLY D 235 14.13 -24.93 -25.57
C GLY D 235 13.92 -26.38 -25.97
N ILE D 236 14.73 -27.26 -25.37
CA ILE D 236 14.72 -28.69 -25.73
C ILE D 236 13.39 -29.32 -25.33
N ILE D 237 12.93 -28.95 -24.15
CA ILE D 237 11.66 -29.46 -23.64
C ILE D 237 10.51 -28.72 -24.30
N ASN D 238 10.64 -27.40 -24.50
CA ASN D 238 9.63 -26.64 -25.26
C ASN D 238 9.36 -27.23 -26.65
N LYS D 239 10.45 -27.56 -27.37
CA LYS D 239 10.36 -28.21 -28.67
C LYS D 239 9.61 -29.56 -28.58
N ALA D 240 9.94 -30.39 -27.58
CA ALA D 240 9.25 -31.67 -27.37
C ALA D 240 7.76 -31.46 -27.15
N ALA D 241 7.41 -30.51 -26.28
CA ALA D 241 6.01 -30.16 -26.01
C ALA D 241 5.31 -29.71 -27.30
N TYR D 242 5.95 -28.82 -28.05
CA TYR D 242 5.40 -28.34 -29.33
C TYR D 242 5.08 -29.50 -30.27
N LEU D 243 6.03 -30.42 -30.43
CA LEU D 243 5.85 -31.62 -31.28
C LEU D 243 4.73 -32.55 -30.79
N ILE D 244 4.62 -32.75 -29.48
CA ILE D 244 3.55 -33.61 -28.93
C ILE D 244 2.19 -33.03 -29.31
N SER D 245 2.05 -31.71 -29.17
CA SER D 245 0.80 -31.03 -29.51
C SER D 245 0.51 -30.98 -31.02
N GLN D 246 1.45 -30.42 -31.78
CA GLN D 246 1.24 -30.01 -33.17
C GLN D 246 1.76 -30.97 -34.21
N GLY D 247 2.66 -31.86 -33.83
CA GLY D 247 3.31 -32.75 -34.76
C GLY D 247 4.38 -32.03 -35.56
N GLY D 248 5.07 -32.79 -36.39
CA GLY D 248 6.09 -32.22 -37.25
C GLY D 248 7.27 -33.13 -37.39
N THR D 249 8.27 -32.69 -38.17
CA THR D 249 9.44 -33.48 -38.41
C THR D 249 10.63 -32.63 -37.97
N HIS D 250 11.47 -33.21 -37.12
CA HIS D 250 12.53 -32.45 -36.48
C HIS D 250 13.81 -33.26 -36.59
N TYR D 251 14.84 -32.70 -37.25
CA TYR D 251 16.02 -33.46 -37.64
C TYR D 251 15.63 -34.84 -38.20
N GLY D 252 14.61 -34.85 -39.06
CA GLY D 252 14.22 -36.04 -39.81
C GLY D 252 13.34 -37.03 -39.08
N VAL D 253 12.95 -36.69 -37.85
CA VAL D 253 12.10 -37.56 -37.02
C VAL D 253 10.70 -36.95 -37.00
N SER D 254 9.69 -37.74 -37.40
CA SER D 254 8.32 -37.25 -37.47
C SER D 254 7.54 -37.62 -36.21
N VAL D 255 6.75 -36.66 -35.73
CA VAL D 255 5.92 -36.87 -34.54
C VAL D 255 4.48 -36.61 -34.95
N VAL D 256 3.58 -37.52 -34.54
CA VAL D 256 2.14 -37.35 -34.73
C VAL D 256 1.58 -36.50 -33.59
N GLY D 257 0.99 -35.36 -33.94
CA GLY D 257 0.42 -34.44 -32.96
C GLY D 257 -0.86 -35.01 -32.36
N ILE D 258 -1.09 -34.67 -31.10
CA ILE D 258 -2.27 -35.13 -30.37
C ILE D 258 -3.06 -33.95 -29.78
N GLY D 259 -2.60 -32.73 -30.00
CA GLY D 259 -3.35 -31.53 -29.62
C GLY D 259 -3.01 -30.94 -28.26
N ARG D 260 -3.38 -29.68 -28.11
CA ARG D 260 -3.04 -28.88 -26.93
C ARG D 260 -3.64 -29.43 -25.66
N ASP D 261 -4.90 -29.86 -25.75
CA ASP D 261 -5.61 -30.32 -24.58
C ASP D 261 -4.92 -31.56 -23.99
N LYS D 262 -4.52 -32.49 -24.87
CA LYS D 262 -3.85 -33.72 -24.41
C LYS D 262 -2.42 -33.43 -23.92
N LEU D 263 -1.72 -32.51 -24.57
CA LEU D 263 -0.42 -32.03 -24.07
C LEU D 263 -0.58 -31.54 -22.63
N GLY D 264 -1.58 -30.68 -22.41
CA GLY D 264 -1.86 -30.08 -21.09
C GLY D 264 -2.16 -31.12 -20.03
N LYS D 265 -2.99 -32.11 -20.37
CA LYS D 265 -3.33 -33.19 -19.43
C LYS D 265 -2.11 -34.00 -19.02
N ILE D 266 -1.32 -34.38 -20.00
CA ILE D 266 -0.11 -35.18 -19.77
C ILE D 266 0.89 -34.43 -18.90
N PHE D 267 1.22 -33.20 -19.27
CA PHE D 267 2.19 -32.42 -18.47
C PHE D 267 1.66 -32.02 -17.10
N TYR D 268 0.38 -31.68 -16.99
CA TYR D 268 -0.19 -31.38 -15.67
C TYR D 268 -0.09 -32.59 -14.74
N ARG D 269 -0.42 -33.76 -15.26
CA ARG D 269 -0.34 -34.97 -14.48
C ARG D 269 1.11 -35.27 -14.08
N ALA D 270 2.02 -35.15 -15.04
CA ALA D 270 3.45 -35.37 -14.77
C ALA D 270 3.93 -34.45 -13.66
N LEU D 271 3.55 -33.18 -13.76
CA LEU D 271 3.93 -32.14 -12.79
C LEU D 271 3.45 -32.43 -11.39
N THR D 272 2.17 -32.79 -11.26
CA THR D 272 1.53 -32.95 -9.98
C THR D 272 1.69 -34.34 -9.37
N GLN D 273 1.95 -35.36 -10.20
CA GLN D 273 2.03 -36.76 -9.72
C GLN D 273 3.43 -37.38 -9.69
N TYR D 274 4.30 -37.00 -10.63
CA TYR D 274 5.55 -37.74 -10.87
C TYR D 274 6.83 -36.90 -10.73
N LEU D 275 6.79 -35.60 -11.03
CA LEU D 275 8.02 -34.80 -10.94
C LEU D 275 8.40 -34.45 -9.50
N THR D 276 9.70 -34.32 -9.25
CA THR D 276 10.22 -34.04 -7.91
C THR D 276 11.21 -32.89 -8.01
N PRO D 277 11.72 -32.39 -6.87
CA PRO D 277 12.64 -31.25 -6.99
C PRO D 277 13.91 -31.52 -7.83
N THR D 278 14.33 -32.78 -7.93
CA THR D 278 15.59 -33.12 -8.57
C THR D 278 15.42 -33.73 -9.96
N SER D 279 14.21 -33.76 -10.49
CA SER D 279 13.94 -34.40 -11.76
C SER D 279 14.82 -33.78 -12.84
N ASN D 280 15.47 -34.64 -13.63
CA ASN D 280 16.17 -34.20 -14.85
C ASN D 280 15.34 -34.53 -16.11
N PHE D 281 15.89 -34.22 -17.29
CA PHE D 281 15.16 -34.35 -18.57
C PHE D 281 14.73 -35.81 -18.85
N SER D 282 15.58 -36.76 -18.50
CA SER D 282 15.29 -38.18 -18.65
C SER D 282 14.14 -38.61 -17.75
N GLN D 283 14.12 -38.08 -16.53
CA GLN D 283 13.02 -38.33 -15.59
C GLN D 283 11.73 -37.59 -16.03
N LEU D 284 11.86 -36.40 -16.63
CA LEU D 284 10.69 -35.76 -17.24
C LEU D 284 10.05 -36.64 -18.32
N ARG D 285 10.88 -37.17 -19.20
CA ARG D 285 10.39 -38.11 -20.23
C ARG D 285 9.63 -39.27 -19.56
N ALA D 286 10.22 -39.88 -18.53
CA ALA D 286 9.59 -41.03 -17.87
C ALA D 286 8.23 -40.63 -17.22
N ALA D 287 8.20 -39.43 -16.62
CA ALA D 287 7.00 -38.88 -15.98
C ALA D 287 5.88 -38.62 -17.02
N ALA D 288 6.24 -38.02 -18.14
CA ALA D 288 5.31 -37.75 -19.26
C ALA D 288 4.79 -39.04 -19.88
N VAL D 289 5.70 -39.98 -20.07
CA VAL D 289 5.31 -41.26 -20.65
C VAL D 289 4.37 -41.99 -19.69
N GLN D 290 4.69 -41.96 -18.39
CA GLN D 290 3.84 -42.61 -17.39
C GLN D 290 2.50 -41.91 -17.29
N SER D 291 2.51 -40.58 -17.30
CA SER D 291 1.28 -39.81 -17.27
C SER D 291 0.36 -40.11 -18.44
N ALA D 292 0.96 -40.21 -19.63
CA ALA D 292 0.22 -40.54 -20.85
C ALA D 292 -0.28 -41.99 -20.83
N THR D 293 0.47 -42.88 -20.20
CA THR D 293 0.02 -44.29 -20.01
C THR D 293 -1.19 -44.34 -19.06
N ASP D 294 -1.11 -43.64 -17.92
CA ASP D 294 -2.20 -43.56 -16.96
C ASP D 294 -3.48 -43.12 -17.64
N LEU D 295 -3.38 -42.06 -18.45
CA LEU D 295 -4.55 -41.40 -19.01
C LEU D 295 -5.16 -42.14 -20.20
N TYR D 296 -4.30 -42.72 -21.04
CA TYR D 296 -4.66 -43.18 -22.39
C TYR D 296 -4.31 -44.62 -22.71
N GLY D 297 -3.46 -45.24 -21.90
CA GLY D 297 -3.11 -46.65 -22.09
C GLY D 297 -1.77 -46.85 -22.77
N SER D 298 -1.12 -47.97 -22.44
CA SER D 298 0.24 -48.25 -22.96
C SER D 298 0.31 -48.33 -24.51
N THR D 299 -0.79 -48.76 -25.14
CA THR D 299 -0.80 -48.91 -26.61
C THR D 299 -1.24 -47.65 -27.39
N SER D 300 -1.50 -46.57 -26.69
CA SER D 300 -2.12 -45.38 -27.26
C SER D 300 -1.20 -44.60 -28.16
N GLN D 301 -1.79 -43.84 -29.09
CA GLN D 301 -1.03 -42.86 -29.86
C GLN D 301 -0.38 -41.82 -28.97
N GLU D 302 -1.09 -41.44 -27.91
CA GLU D 302 -0.60 -40.40 -27.02
C GLU D 302 0.76 -40.82 -26.43
N VAL D 303 0.82 -42.04 -25.90
CA VAL D 303 2.08 -42.55 -25.33
C VAL D 303 3.17 -42.57 -26.41
N ALA D 304 2.85 -43.12 -27.58
CA ALA D 304 3.83 -43.18 -28.68
C ALA D 304 4.34 -41.78 -29.08
N SER D 305 3.44 -40.82 -29.09
CA SER D 305 3.82 -39.45 -29.45
C SER D 305 4.74 -38.78 -28.45
N VAL D 306 4.51 -39.00 -27.16
CA VAL D 306 5.38 -38.46 -26.09
C VAL D 306 6.78 -39.09 -26.30
N LYS D 307 6.83 -40.41 -26.51
CA LYS D 307 8.10 -41.10 -26.75
C LYS D 307 8.85 -40.56 -27.99
N GLN D 308 8.14 -40.40 -29.10
CA GLN D 308 8.70 -39.91 -30.35
C GLN D 308 9.20 -38.47 -30.25
N ALA D 309 8.44 -37.61 -29.55
CA ALA D 309 8.84 -36.21 -29.32
C ALA D 309 10.12 -36.07 -28.51
N PHE D 310 10.23 -36.84 -27.42
CA PHE D 310 11.45 -36.81 -26.62
C PHE D 310 12.62 -37.42 -27.41
N ASP D 311 12.36 -38.50 -28.16
CA ASP D 311 13.35 -39.03 -29.11
C ASP D 311 13.84 -37.94 -30.07
N ALA D 312 12.91 -37.17 -30.66
CA ALA D 312 13.26 -36.16 -31.67
C ALA D 312 14.18 -35.06 -31.11
N VAL D 313 14.09 -34.81 -29.80
CA VAL D 313 14.96 -33.80 -29.17
C VAL D 313 16.13 -34.41 -28.38
N GLY D 314 16.34 -35.72 -28.52
CA GLY D 314 17.54 -36.39 -28.03
C GLY D 314 17.54 -36.75 -26.56
N VAL D 315 16.34 -36.82 -25.96
CA VAL D 315 16.20 -37.12 -24.54
C VAL D 315 15.72 -38.57 -24.38
N LYS D 316 16.55 -39.39 -23.76
CA LYS D 316 16.28 -40.82 -23.61
C LYS D 316 15.82 -41.18 -22.20
N ILE E 7 32.21 -3.59 -18.76
CA ILE E 7 30.84 -3.60 -18.20
C ILE E 7 30.87 -3.70 -16.65
N CYS E 8 31.46 -4.75 -16.08
CA CYS E 8 31.48 -4.91 -14.60
C CYS E 8 32.91 -5.02 -14.06
N ASN E 9 33.59 -3.88 -13.99
CA ASN E 9 34.99 -3.84 -13.50
C ASN E 9 35.17 -2.97 -12.26
N GLY E 10 34.22 -3.05 -11.34
CA GLY E 10 34.29 -2.29 -10.08
C GLY E 10 35.05 -2.97 -8.94
N GLY E 11 35.52 -4.20 -9.19
CA GLY E 11 36.20 -5.00 -8.18
C GLY E 11 35.30 -6.15 -7.73
N HIS E 12 35.79 -7.38 -7.89
CA HIS E 12 35.10 -8.61 -7.43
C HIS E 12 33.66 -8.74 -7.94
N GLU E 13 33.42 -8.26 -9.16
CA GLU E 13 32.14 -8.46 -9.83
C GLU E 13 32.35 -8.84 -11.28
N TYR E 14 31.31 -9.43 -11.87
CA TYR E 14 31.37 -9.82 -13.28
C TYR E 14 30.00 -9.64 -13.91
N TYR E 15 30.00 -9.55 -15.24
CA TYR E 15 28.77 -9.57 -16.00
C TYR E 15 28.29 -11.00 -16.29
N GLU E 16 26.99 -11.21 -16.10
CA GLU E 16 26.28 -12.40 -16.58
C GLU E 16 24.82 -12.05 -16.83
N CYS E 17 24.18 -12.80 -17.73
CA CYS E 17 22.72 -12.81 -17.80
C CYS E 17 22.30 -13.98 -16.92
N GLY E 18 21.91 -13.69 -15.69
CA GLY E 18 21.66 -14.73 -14.70
C GLY E 18 20.46 -14.48 -13.81
N GLY E 19 20.54 -15.00 -12.58
CA GLY E 19 19.45 -14.92 -11.63
C GLY E 19 19.14 -13.53 -11.10
N ALA E 20 17.99 -13.39 -10.47
CA ALA E 20 17.55 -12.08 -10.03
C ALA E 20 18.33 -11.57 -8.80
N CYS E 21 18.92 -12.48 -8.02
CA CYS E 21 19.59 -12.13 -6.76
C CYS E 21 21.09 -12.01 -6.93
N ASP E 22 21.64 -10.90 -6.45
CA ASP E 22 23.09 -10.75 -6.22
C ASP E 22 23.32 -11.10 -4.74
N ASN E 23 24.58 -11.19 -4.33
CA ASN E 23 24.93 -11.19 -2.92
C ASN E 23 24.97 -9.72 -2.47
N VAL E 24 24.10 -9.37 -1.53
CA VAL E 24 24.05 -8.02 -0.97
C VAL E 24 24.10 -8.19 0.54
N CYS E 25 25.06 -7.51 1.18
CA CYS E 25 25.34 -7.67 2.61
C CYS E 25 24.06 -7.60 3.45
N ALA E 26 23.30 -6.51 3.27
CA ALA E 26 22.07 -6.26 4.04
C ALA E 26 20.95 -7.27 3.79
N ASP E 27 21.01 -7.97 2.67
CA ASP E 27 19.97 -8.95 2.28
C ASP E 27 20.36 -10.40 2.54
N LEU E 28 21.57 -10.65 3.05
CA LEU E 28 22.22 -11.96 2.92
C LEU E 28 21.55 -13.08 3.72
N HIS E 29 20.89 -12.72 4.82
CA HIS E 29 20.11 -13.66 5.63
C HIS E 29 18.76 -14.01 4.99
N ILE E 30 18.34 -13.20 4.01
CA ILE E 30 17.08 -13.42 3.29
C ILE E 30 17.32 -14.18 1.99
N GLN E 31 18.30 -13.71 1.22
CA GLN E 31 18.55 -14.25 -0.11
C GLN E 31 19.99 -13.96 -0.56
N ASN E 32 20.44 -14.75 -1.53
CA ASN E 32 21.73 -14.56 -2.16
C ASN E 32 21.75 -15.30 -3.49
N LYS E 33 22.89 -15.30 -4.16
CA LYS E 33 22.99 -15.93 -5.48
C LYS E 33 22.63 -17.42 -5.47
N THR E 34 23.05 -18.14 -4.42
CA THR E 34 22.80 -19.59 -4.34
C THR E 34 21.36 -19.88 -3.94
N ASN E 35 20.80 -19.05 -3.06
CA ASN E 35 19.47 -19.26 -2.52
C ASN E 35 18.59 -18.04 -2.77
N CYS E 36 17.95 -18.07 -3.93
CA CYS E 36 17.22 -16.92 -4.47
C CYS E 36 15.78 -17.32 -4.71
N PRO E 37 14.84 -16.62 -4.04
CA PRO E 37 13.42 -16.96 -4.14
C PRO E 37 12.74 -16.35 -5.37
N ILE E 38 13.44 -15.45 -6.06
CA ILE E 38 12.92 -14.75 -7.25
C ILE E 38 13.11 -15.64 -8.49
N ILE E 39 11.99 -16.08 -9.05
CA ILE E 39 11.95 -17.02 -10.17
C ILE E 39 11.41 -16.25 -11.37
N ASN E 40 12.21 -16.18 -12.42
CA ASN E 40 11.86 -15.35 -13.57
C ASN E 40 10.98 -16.17 -14.52
N ILE F 1 10.65 -13.81 -16.30
CA ILE F 1 10.38 -14.43 -17.66
C ILE F 1 11.69 -14.75 -18.40
N ARG F 2 12.98 -14.03 -18.06
CA ARG F 2 14.23 -14.16 -18.77
C ARG F 2 15.33 -13.99 -17.74
N CYS F 3 16.56 -14.29 -18.11
CA CYS F 3 17.66 -13.97 -17.21
C CYS F 3 17.79 -12.45 -17.09
N ASN F 4 18.63 -12.02 -16.16
CA ASN F 4 18.85 -10.62 -15.86
C ASN F 4 20.25 -10.21 -16.28
N ASP F 5 20.34 -9.24 -17.16
CA ASP F 5 21.65 -8.69 -17.54
C ASP F 5 22.14 -7.77 -16.40
N LYS F 6 23.06 -8.29 -15.58
CA LYS F 6 23.42 -7.72 -14.30
C LYS F 6 24.91 -7.87 -14.02
N CYS F 7 25.47 -6.99 -13.19
CA CYS F 7 26.76 -7.26 -12.58
C CYS F 7 26.52 -8.05 -11.30
N TYR F 8 27.34 -9.08 -11.06
CA TYR F 8 27.20 -9.88 -9.83
C TYR F 8 28.50 -9.89 -9.07
N CYS F 9 28.40 -9.97 -7.74
CA CYS F 9 29.58 -10.21 -6.93
C CYS F 9 30.01 -11.67 -7.09
N GLU F 10 31.33 -11.85 -7.17
CA GLU F 10 31.94 -13.16 -7.09
C GLU F 10 31.50 -13.89 -5.82
N ASP F 11 31.43 -15.22 -5.91
CA ASP F 11 31.16 -16.06 -4.73
C ASP F 11 32.13 -15.68 -3.62
N GLY F 12 31.59 -15.43 -2.44
CA GLY F 12 32.40 -15.07 -1.26
C GLY F 12 32.33 -13.58 -0.97
N TYR F 13 31.78 -12.84 -1.93
CA TYR F 13 31.68 -11.39 -1.88
C TYR F 13 30.23 -10.92 -1.97
N ALA F 14 29.96 -9.72 -1.47
CA ALA F 14 28.62 -9.17 -1.42
C ALA F 14 28.68 -7.64 -1.48
N ARG F 15 27.57 -7.03 -1.93
CA ARG F 15 27.45 -5.58 -2.06
C ARG F 15 27.34 -4.90 -0.69
N ASP F 16 28.21 -3.92 -0.49
CA ASP F 16 28.09 -3.06 0.69
C ASP F 16 27.06 -1.97 0.39
N VAL F 17 27.07 -0.90 1.18
CA VAL F 17 26.12 0.22 1.05
C VAL F 17 26.33 1.05 -0.22
N ASN F 18 27.59 1.24 -0.62
CA ASN F 18 27.91 2.02 -1.82
C ASN F 18 27.95 1.16 -3.14
N GLY F 19 27.40 -0.06 -3.07
CA GLY F 19 27.25 -0.94 -4.25
C GLY F 19 28.52 -1.69 -4.65
N LYS F 20 29.52 -1.71 -3.77
CA LYS F 20 30.81 -2.30 -4.07
C LYS F 20 30.81 -3.70 -3.49
N CYS F 21 31.34 -4.65 -4.25
CA CYS F 21 31.48 -6.02 -3.75
C CYS F 21 32.67 -6.09 -2.81
N ILE F 22 32.41 -6.52 -1.57
CA ILE F 22 33.45 -6.71 -0.56
C ILE F 22 33.39 -8.14 -0.01
N PRO F 23 34.48 -8.60 0.62
CA PRO F 23 34.39 -9.93 1.23
C PRO F 23 33.19 -10.01 2.20
N ILE F 24 32.45 -11.11 2.14
CA ILE F 24 31.29 -11.29 3.03
C ILE F 24 31.68 -11.16 4.52
N LYS F 25 32.88 -11.61 4.87
CA LYS F 25 33.43 -11.45 6.23
C LYS F 25 33.44 -10.01 6.69
N ASP F 26 33.48 -9.07 5.75
CA ASP F 26 33.49 -7.64 6.06
C ASP F 26 32.10 -6.99 6.09
N CYS F 27 31.04 -7.73 5.74
CA CYS F 27 29.68 -7.18 5.78
C CYS F 27 29.32 -6.79 7.21
N PRO F 28 28.68 -5.62 7.39
CA PRO F 28 28.27 -5.19 8.72
C PRO F 28 26.99 -5.92 9.23
N LYS F 29 26.65 -5.72 10.50
CA LYS F 29 25.48 -6.38 11.13
C LYS F 29 24.23 -6.33 10.24
C1 GOL G . -14.40 8.32 40.04
O1 GOL G . -13.80 8.80 41.22
C2 GOL G . -14.55 6.80 40.11
O2 GOL G . -13.70 6.18 39.17
C3 GOL G . -15.99 6.44 39.77
O3 GOL G . -16.07 5.05 39.57
ZN ZN H . -8.82 17.03 12.66
CA CA I . -5.20 11.51 44.03
CA CA J . 2.71 10.11 15.74
CA CA K . -2.09 -0.19 17.34
NA NA L . 4.98 8.20 18.14
C1 GOL M . -19.35 8.40 17.02
O1 GOL M . -19.42 7.17 16.33
C2 GOL M . -18.11 8.42 17.90
O2 GOL M . -16.96 8.19 17.13
C3 GOL M . -18.34 7.35 18.96
O3 GOL M . -17.39 6.32 18.86
C1 GOL N . 17.71 -6.65 -13.59
O1 GOL N . 17.19 -7.58 -12.66
C2 GOL N . 16.58 -6.27 -14.53
O2 GOL N . 16.44 -7.32 -15.47
C3 GOL N . 16.95 -4.96 -15.18
O3 GOL N . 16.04 -4.60 -16.18
ZN ZN O . 10.30 -18.46 -15.67
CA CA P . -9.77 6.30 -12.72
CA CA Q . 2.79 -16.10 -26.94
CA CA R . 8.93 -6.98 -30.78
NA NA S . 0.45 -14.10 -28.97
#